data_6Q73
#
_entry.id   6Q73
#
_cell.length_a   141.770
_cell.length_b   64.250
_cell.length_c   116.320
_cell.angle_alpha   90.00
_cell.angle_beta   102.58
_cell.angle_gamma   90.00
#
_symmetry.space_group_name_H-M   'C 1 2 1'
#
loop_
_entity.id
_entity.type
_entity.pdbx_description
1 polymer 'Phosphatidylinositol 4,5-bisphosphate 3-kinase catalytic subunit delta isoform'
2 non-polymer ~{N}-[2-chloranyl-5-(3,6-dihydro-2~{H}-pyran-4-yl)pyridin-3-yl]methanesulfonamide
3 water water
#
_entity_poly.entity_id   1
_entity_poly.type   'polypeptide(L)'
_entity_poly.pdbx_seq_one_letter_code
;GGDRVKKLINSQISLLIGKGLHEFDSLRDPEVNDFRTKMRQFCEEAAAHRQQLGWVEWLQYSFPLQLEPSARGWRAGLLR
VSNRALLVNVKFEGSEESFTFQVSTKDMPLALMACALRKKATVFRQPLVEQPEEYALQVNGRHEYLYGNYPLCHFQYICS
CLHSGLTPHLTMVHSSSILAMRDEQSNPAPQVQKPRAKPPPIPAKKPSSVSLWSLEQPFSIELIEGRKVNADERMKLVVQ
AGLFHGNEMLCKTVSSSEVNVCSEPVWKQRLEFDISVCDLPRMARLCFALYAVVEKAKKARSTKKKSKKADCPIAWANLM
LFDYKDQLKTGERCLYMWPSVPDEKGELLNPAGTVRGNPNTESAAALVIYLPEVAPHPVYFPALEKILELGRHGERGRIT
EEEQLQLREILERRGSGELYEHEKDLVWKMRHEVQEHFPEALARLLLVTKWNKHEDVAQMLYLLCSWPELPVLSALELLD
FSFPDCYVGSFAIKSLRKLTDDELFQYLLQLVQVLKYESYLDCELTKFLLGRALANRKIGHFLFWHLRSEMHVPSVALRF
GLIMEAYCRGSTHHMKVLMKQGEALSKLKALNDFVKVSSQKTTKPQTKEMMHMCMRQETYMEALSHLQSPLDPSTLLEEV
CVEQCTFMDSKMKPLWIMYSSEEAGSAGNVGIIFKNGDDLRQDMLTLQMIQLMDVLWKQEGLDLRMTPYGCLPTGDRTGL
IEVVLHSDTIANIQLNKSNMAATAAFNKDALLNWLKSKNPGEALDRAIEEFTLSCAGYCVATYVLGIGDRHSDNIMIRES
GQLFHIDFGHFLGNFKTKFGINRERVPFILTYDFVHVIQQGKTNNSEKFERFRGYCERAYTILRRHGLLFLHLFALMRAA
GLPELSCSKDIQYLKDSLALGKTEEEALKHFRVKFNEALRESWKTKVNWLAHNVSKDNRQ
;
_entity_poly.pdbx_strand_id   A
#
loop_
_chem_comp.id
_chem_comp.type
_chem_comp.name
_chem_comp.formula
HKK non-polymer ~{N}-[2-chloranyl-5-(3,6-dihydro-2~{H}-pyran-4-yl)pyridin-3-yl]methanesulfonamide 'C11 H13 Cl N2 O3 S'
#
# COMPACT_ATOMS: atom_id res chain seq x y z
N ASP A 3 1.75 -29.03 -23.19
CA ASP A 3 1.77 -28.40 -24.51
C ASP A 3 0.47 -27.62 -24.76
N ARG A 4 -0.68 -28.31 -24.90
CA ARG A 4 -2.00 -27.68 -25.08
C ARG A 4 -2.38 -26.88 -23.84
N VAL A 5 -1.94 -27.35 -22.66
CA VAL A 5 -2.20 -26.72 -21.36
C VAL A 5 -1.28 -25.53 -21.13
N LYS A 6 -0.01 -25.62 -21.60
CA LYS A 6 1.02 -24.57 -21.51
C LYS A 6 0.64 -23.36 -22.37
N LYS A 7 0.20 -23.62 -23.62
CA LYS A 7 -0.24 -22.59 -24.55
C LYS A 7 -1.45 -21.89 -23.95
N LEU A 8 -2.42 -22.67 -23.42
CA LEU A 8 -3.60 -22.13 -22.75
C LEU A 8 -3.22 -21.28 -21.53
N ILE A 9 -2.33 -21.78 -20.65
CA ILE A 9 -1.91 -21.02 -19.46
C ILE A 9 -1.30 -19.68 -19.90
N ASN A 10 -0.40 -19.70 -20.92
CA ASN A 10 0.26 -18.53 -21.50
C ASN A 10 -0.70 -17.49 -22.03
N SER A 11 -1.77 -17.92 -22.70
CA SER A 11 -2.77 -16.98 -23.24
C SER A 11 -3.61 -16.36 -22.11
N GLN A 12 -3.95 -17.16 -21.07
CA GLN A 12 -4.70 -16.74 -19.89
C GLN A 12 -3.89 -15.74 -19.04
N ILE A 13 -2.55 -15.93 -18.92
CA ILE A 13 -1.64 -14.99 -18.23
C ILE A 13 -1.63 -13.68 -19.03
N SER A 14 -1.43 -13.77 -20.35
CA SER A 14 -1.41 -12.58 -21.22
C SER A 14 -2.69 -11.74 -21.06
N LEU A 15 -3.85 -12.43 -21.00
CA LEU A 15 -5.16 -11.84 -20.82
C LEU A 15 -5.28 -11.16 -19.47
N LEU A 16 -4.89 -11.89 -18.40
CA LEU A 16 -4.97 -11.41 -17.02
C LEU A 16 -4.11 -10.18 -16.72
N ILE A 17 -2.83 -10.22 -17.10
CA ILE A 17 -1.86 -9.16 -16.81
C ILE A 17 -2.04 -7.97 -17.77
N GLY A 18 -2.84 -8.16 -18.83
CA GLY A 18 -3.14 -7.14 -19.83
C GLY A 18 -2.00 -6.80 -20.77
N LYS A 19 -1.13 -7.81 -21.07
CA LYS A 19 0.05 -7.69 -21.93
C LYS A 19 0.44 -9.10 -22.42
N GLY A 20 0.55 -9.27 -23.75
CA GLY A 20 0.92 -10.53 -24.39
C GLY A 20 2.34 -10.94 -24.04
N LEU A 21 2.54 -12.20 -23.62
CA LEU A 21 3.88 -12.69 -23.24
C LEU A 21 4.89 -12.61 -24.37
N HIS A 22 4.41 -12.66 -25.64
CA HIS A 22 5.22 -12.57 -26.88
C HIS A 22 5.99 -11.25 -26.90
N GLU A 23 5.43 -10.20 -26.26
CA GLU A 23 6.02 -8.87 -26.17
C GLU A 23 7.32 -8.91 -25.37
N PHE A 24 7.38 -9.76 -24.32
CA PHE A 24 8.57 -9.96 -23.51
C PHE A 24 9.69 -10.56 -24.36
N ASP A 25 9.36 -11.58 -25.17
CA ASP A 25 10.27 -12.29 -26.07
C ASP A 25 10.78 -11.39 -27.19
N SER A 26 9.91 -10.50 -27.74
CA SER A 26 10.24 -9.57 -28.83
C SER A 26 11.31 -8.53 -28.49
N LEU A 27 11.58 -8.28 -27.18
CA LEU A 27 12.58 -7.32 -26.71
C LEU A 27 13.99 -7.89 -26.86
N ARG A 28 14.08 -9.25 -27.03
CA ARG A 28 15.31 -10.02 -27.15
C ARG A 28 16.31 -9.48 -26.10
N ASP A 29 15.80 -9.31 -24.87
CA ASP A 29 16.54 -8.75 -23.74
C ASP A 29 17.02 -9.82 -22.72
N PRO A 30 18.36 -10.00 -22.57
CA PRO A 30 18.87 -11.05 -21.64
C PRO A 30 18.46 -10.87 -20.19
N GLU A 31 18.43 -9.62 -19.67
CA GLU A 31 17.98 -9.34 -18.29
C GLU A 31 16.54 -9.77 -18.13
N VAL A 32 15.68 -9.45 -19.12
CA VAL A 32 14.25 -9.83 -19.13
C VAL A 32 14.13 -11.37 -19.14
N ASN A 33 14.92 -12.04 -20.00
CA ASN A 33 14.92 -13.50 -20.16
C ASN A 33 15.38 -14.27 -18.91
N ASP A 34 16.40 -13.74 -18.21
CA ASP A 34 16.95 -14.35 -17.00
C ASP A 34 16.01 -14.20 -15.84
N PHE A 35 15.22 -13.10 -15.84
CA PHE A 35 14.21 -12.86 -14.84
C PHE A 35 13.12 -13.88 -14.99
N ARG A 36 12.62 -14.05 -16.22
CA ARG A 36 11.53 -14.99 -16.49
C ARG A 36 11.90 -16.42 -16.10
N THR A 37 13.13 -16.85 -16.40
CA THR A 37 13.61 -18.20 -16.13
C THR A 37 13.84 -18.47 -14.63
N LYS A 38 14.53 -17.57 -13.92
CA LYS A 38 14.87 -17.69 -12.50
C LYS A 38 13.65 -17.63 -11.63
N MET A 39 12.76 -16.66 -11.92
CA MET A 39 11.55 -16.44 -11.16
C MET A 39 10.50 -17.50 -11.41
N ARG A 40 10.43 -18.06 -12.65
CA ARG A 40 9.50 -19.17 -12.93
C ARG A 40 9.89 -20.41 -12.09
N GLN A 41 11.20 -20.70 -11.98
CA GLN A 41 11.76 -21.80 -11.21
C GLN A 41 11.41 -21.61 -9.73
N PHE A 42 11.67 -20.40 -9.22
CA PHE A 42 11.44 -20.00 -7.85
C PHE A 42 9.95 -20.11 -7.46
N CYS A 43 9.05 -19.73 -8.37
CA CYS A 43 7.61 -19.74 -8.12
C CYS A 43 6.99 -21.14 -8.23
N GLU A 44 7.52 -21.98 -9.11
CA GLU A 44 7.12 -23.38 -9.26
C GLU A 44 7.53 -24.21 -8.04
N GLU A 45 8.71 -23.88 -7.44
CA GLU A 45 9.24 -24.52 -6.23
C GLU A 45 8.25 -24.24 -5.08
N ALA A 46 7.81 -22.96 -4.95
CA ALA A 46 6.82 -22.53 -3.97
C ALA A 46 5.49 -23.26 -4.18
N ALA A 47 5.05 -23.40 -5.44
CA ALA A 47 3.83 -24.13 -5.81
C ALA A 47 3.92 -25.60 -5.38
N ALA A 48 5.06 -26.27 -5.65
CA ALA A 48 5.27 -27.67 -5.27
C ALA A 48 5.27 -27.87 -3.75
N HIS A 49 5.86 -26.93 -3.01
CA HIS A 49 5.90 -26.94 -1.53
C HIS A 49 4.49 -26.90 -0.98
N ARG A 50 3.65 -26.09 -1.61
CA ARG A 50 2.28 -25.83 -1.22
C ARG A 50 1.31 -27.00 -1.40
N GLN A 51 1.45 -27.73 -2.51
CA GLN A 51 0.61 -28.87 -2.86
C GLN A 51 0.75 -30.04 -1.89
N GLN A 52 1.83 -30.02 -1.10
CA GLN A 52 2.11 -31.02 -0.11
C GLN A 52 1.88 -30.56 1.34
N LEU A 53 1.45 -29.30 1.56
CA LEU A 53 1.19 -28.77 2.91
C LEU A 53 0.18 -29.61 3.67
N GLY A 54 0.28 -29.59 4.98
CA GLY A 54 -0.69 -30.23 5.85
C GLY A 54 -1.99 -29.48 5.73
N TRP A 55 -3.13 -30.10 6.02
CA TRP A 55 -4.42 -29.45 5.87
C TRP A 55 -4.57 -28.13 6.71
N VAL A 56 -3.95 -28.02 7.88
CA VAL A 56 -4.02 -26.79 8.68
C VAL A 56 -3.10 -25.70 8.08
N GLU A 57 -1.95 -26.11 7.51
CA GLU A 57 -0.98 -25.25 6.84
C GLU A 57 -1.56 -24.69 5.59
N TRP A 58 -2.33 -25.52 4.87
CA TRP A 58 -3.00 -25.07 3.67
C TRP A 58 -4.17 -24.08 4.04
N LEU A 59 -4.80 -24.25 5.22
CA LEU A 59 -5.79 -23.30 5.74
C LEU A 59 -5.08 -21.97 6.03
N GLN A 60 -3.86 -22.01 6.61
CA GLN A 60 -3.06 -20.83 6.93
C GLN A 60 -2.65 -20.13 5.63
N TYR A 61 -2.45 -20.89 4.54
CA TYR A 61 -2.14 -20.32 3.24
C TYR A 61 -3.36 -19.61 2.60
N SER A 62 -4.48 -20.32 2.45
CA SER A 62 -5.71 -19.90 1.77
C SER A 62 -6.61 -18.94 2.55
N PHE A 63 -6.76 -19.22 3.86
CA PHE A 63 -7.62 -18.48 4.75
C PHE A 63 -6.81 -18.03 5.95
N PRO A 64 -5.83 -17.09 5.79
CA PRO A 64 -5.04 -16.68 6.96
C PRO A 64 -5.94 -16.02 7.99
N LEU A 65 -5.70 -16.32 9.27
CA LEU A 65 -6.48 -15.81 10.38
C LEU A 65 -6.66 -14.30 10.40
N GLN A 66 -7.89 -13.85 10.64
CA GLN A 66 -8.24 -12.44 10.76
C GLN A 66 -8.48 -12.16 12.26
N LEU A 67 -7.40 -11.78 12.95
CA LEU A 67 -7.42 -11.55 14.39
C LEU A 67 -7.46 -10.07 14.79
N GLU A 68 -8.04 -9.75 15.94
CA GLU A 68 -8.08 -8.40 16.51
C GLU A 68 -6.65 -7.88 16.81
N PRO A 69 -6.32 -6.61 16.45
CA PRO A 69 -4.95 -6.08 16.71
C PRO A 69 -4.42 -6.32 18.12
N SER A 70 -5.27 -6.17 19.15
CA SER A 70 -4.87 -6.38 20.55
C SER A 70 -4.47 -7.84 20.89
N ALA A 71 -4.98 -8.82 20.13
CA ALA A 71 -4.70 -10.25 20.32
C ALA A 71 -3.36 -10.70 19.72
N ARG A 72 -2.89 -9.97 18.68
CA ARG A 72 -1.67 -10.29 17.92
C ARG A 72 -0.36 -10.24 18.73
N GLY A 73 0.58 -11.11 18.36
CA GLY A 73 1.88 -11.22 19.00
C GLY A 73 1.82 -11.95 20.33
N ASN A 83 -15.79 -15.07 30.93
CA ASN A 83 -16.01 -13.63 30.88
C ASN A 83 -17.42 -13.30 30.38
N ARG A 84 -17.67 -13.42 29.06
CA ARG A 84 -18.99 -13.12 28.46
C ARG A 84 -19.60 -14.35 27.76
N ALA A 85 -20.94 -14.40 27.74
CA ALA A 85 -21.74 -15.46 27.11
C ALA A 85 -21.96 -15.11 25.64
N LEU A 86 -21.88 -16.12 24.78
CA LEU A 86 -22.01 -15.93 23.35
C LEU A 86 -22.89 -17.01 22.73
N LEU A 87 -23.86 -16.61 21.92
CA LEU A 87 -24.71 -17.54 21.19
C LEU A 87 -24.10 -17.78 19.81
N VAL A 88 -23.86 -19.05 19.43
CA VAL A 88 -23.27 -19.41 18.14
C VAL A 88 -24.17 -20.43 17.41
N ASN A 89 -24.39 -20.24 16.10
CA ASN A 89 -25.13 -21.19 15.29
C ASN A 89 -24.10 -22.00 14.51
N VAL A 90 -24.11 -23.34 14.68
CA VAL A 90 -23.16 -24.22 14.01
C VAL A 90 -23.86 -25.32 13.21
N LYS A 91 -23.43 -25.50 11.95
CA LYS A 91 -23.91 -26.55 11.05
C LYS A 91 -22.72 -27.33 10.51
N PHE A 92 -22.96 -28.49 9.88
CA PHE A 92 -21.92 -29.32 9.26
C PHE A 92 -22.05 -29.15 7.75
N GLU A 93 -20.96 -29.34 6.97
CA GLU A 93 -20.96 -29.16 5.52
C GLU A 93 -22.08 -29.91 4.80
N GLY A 94 -22.83 -29.18 3.97
CA GLY A 94 -23.96 -29.70 3.22
C GLY A 94 -25.12 -30.22 4.06
N SER A 95 -25.43 -29.52 5.16
CA SER A 95 -26.50 -29.89 6.06
C SER A 95 -27.51 -28.78 6.20
N GLU A 96 -28.78 -29.15 6.17
CA GLU A 96 -29.88 -28.20 6.35
C GLU A 96 -29.96 -27.87 7.84
N GLU A 97 -29.73 -28.89 8.69
CA GLU A 97 -29.76 -28.78 10.15
C GLU A 97 -28.61 -27.95 10.74
N SER A 98 -28.91 -27.20 11.81
CA SER A 98 -27.96 -26.40 12.55
C SER A 98 -28.27 -26.44 14.07
N PHE A 99 -27.27 -26.15 14.89
CA PHE A 99 -27.38 -26.15 16.33
C PHE A 99 -27.02 -24.78 16.85
N THR A 100 -27.86 -24.22 17.71
CA THR A 100 -27.61 -22.91 18.32
C THR A 100 -27.21 -23.15 19.78
N PHE A 101 -26.01 -22.69 20.18
CA PHE A 101 -25.56 -22.95 21.56
C PHE A 101 -24.76 -21.84 22.17
N GLN A 102 -24.83 -21.77 23.51
CA GLN A 102 -24.15 -20.75 24.28
C GLN A 102 -22.77 -21.20 24.69
N VAL A 103 -21.79 -20.40 24.28
CA VAL A 103 -20.37 -20.58 24.59
C VAL A 103 -19.88 -19.33 25.36
N SER A 104 -18.58 -19.26 25.56
CA SER A 104 -17.93 -18.11 26.18
C SER A 104 -16.97 -17.51 25.17
N THR A 105 -16.89 -16.17 25.17
CA THR A 105 -15.96 -15.40 24.33
C THR A 105 -14.51 -15.85 24.61
N LYS A 106 -14.26 -16.47 25.80
CA LYS A 106 -12.97 -16.98 26.23
C LYS A 106 -12.69 -18.41 25.74
N ASP A 107 -13.72 -19.12 25.19
CA ASP A 107 -13.54 -20.48 24.65
C ASP A 107 -12.80 -20.43 23.34
N MET A 108 -12.08 -21.50 23.05
CA MET A 108 -11.27 -21.72 21.85
C MET A 108 -12.13 -22.43 20.80
N PRO A 109 -11.86 -22.30 19.47
CA PRO A 109 -12.71 -22.99 18.49
C PRO A 109 -12.91 -24.49 18.77
N LEU A 110 -11.86 -25.19 19.27
CA LEU A 110 -11.87 -26.62 19.62
C LEU A 110 -12.98 -27.03 20.63
N ALA A 111 -13.31 -26.15 21.60
CA ALA A 111 -14.33 -26.38 22.61
C ALA A 111 -15.68 -26.28 21.93
N LEU A 112 -15.83 -25.31 21.01
CA LEU A 112 -17.03 -25.08 20.23
C LEU A 112 -17.24 -26.24 19.29
N MET A 113 -16.15 -26.76 18.68
CA MET A 113 -16.21 -27.90 17.78
C MET A 113 -16.56 -29.19 18.50
N ALA A 114 -16.00 -29.40 19.72
CA ALA A 114 -16.28 -30.58 20.54
C ALA A 114 -17.76 -30.56 20.93
N CYS A 115 -18.27 -29.36 21.21
CA CYS A 115 -19.65 -29.06 21.57
C CYS A 115 -20.59 -29.40 20.40
N ALA A 116 -20.24 -28.97 19.16
CA ALA A 116 -20.99 -29.26 17.94
C ALA A 116 -21.01 -30.77 17.65
N LEU A 117 -19.88 -31.46 17.92
CA LEU A 117 -19.76 -32.91 17.73
C LEU A 117 -20.61 -33.73 18.71
N ARG A 118 -20.66 -33.31 19.99
CA ARG A 118 -21.48 -34.00 21.02
C ARG A 118 -22.95 -33.89 20.62
N LYS A 119 -23.39 -32.68 20.19
CA LYS A 119 -24.75 -32.41 19.71
C LYS A 119 -25.05 -33.26 18.48
N LYS A 120 -24.07 -33.46 17.58
CA LYS A 120 -24.22 -34.29 16.39
C LYS A 120 -24.36 -35.77 16.77
N ALA A 121 -23.57 -36.24 17.76
CA ALA A 121 -23.56 -37.63 18.21
C ALA A 121 -24.91 -38.03 18.83
N THR A 122 -25.52 -37.13 19.65
CA THR A 122 -26.81 -37.39 20.28
C THR A 122 -27.96 -37.36 19.26
N VAL A 123 -27.97 -36.36 18.36
CA VAL A 123 -28.99 -36.19 17.30
C VAL A 123 -28.90 -37.34 16.26
N PHE A 124 -27.67 -37.83 15.93
CA PHE A 124 -27.52 -38.94 14.97
C PHE A 124 -27.34 -40.31 15.64
N ARG A 125 -27.70 -40.41 16.93
CA ARG A 125 -27.72 -41.60 17.77
C ARG A 125 -26.47 -42.50 17.64
N GLN A 126 -25.27 -41.91 17.52
CA GLN A 126 -24.06 -42.72 17.39
C GLN A 126 -22.81 -42.10 18.03
N PRO A 127 -22.03 -42.87 18.86
CA PRO A 127 -20.78 -42.31 19.43
C PRO A 127 -19.77 -42.09 18.30
N LEU A 128 -19.58 -40.82 17.91
CA LEU A 128 -18.77 -40.39 16.77
C LEU A 128 -17.29 -40.77 16.85
N VAL A 129 -16.73 -41.17 15.68
CA VAL A 129 -15.32 -41.52 15.46
C VAL A 129 -14.55 -40.18 15.41
N GLU A 130 -15.18 -39.16 14.77
CA GLU A 130 -14.69 -37.81 14.57
C GLU A 130 -14.33 -37.10 15.86
N GLN A 131 -13.08 -36.63 15.93
CA GLN A 131 -12.47 -35.88 17.01
C GLN A 131 -12.51 -34.40 16.60
N PRO A 132 -12.63 -33.43 17.54
CA PRO A 132 -12.71 -32.01 17.12
C PRO A 132 -11.47 -31.46 16.41
N GLU A 133 -10.30 -32.09 16.64
CA GLU A 133 -8.99 -31.78 16.04
C GLU A 133 -8.99 -31.94 14.50
N GLU A 134 -9.93 -32.74 13.98
CA GLU A 134 -10.12 -33.08 12.56
C GLU A 134 -10.86 -32.02 11.76
N TYR A 135 -11.34 -30.94 12.42
CA TYR A 135 -12.17 -29.91 11.83
C TYR A 135 -11.64 -28.48 11.96
N ALA A 136 -12.13 -27.58 11.11
CA ALA A 136 -11.94 -26.14 11.18
C ALA A 136 -13.35 -25.50 11.06
N LEU A 137 -13.49 -24.28 11.55
CA LEU A 137 -14.77 -23.61 11.47
C LEU A 137 -14.83 -22.58 10.37
N GLN A 138 -15.67 -22.79 9.35
CA GLN A 138 -15.84 -21.75 8.32
C GLN A 138 -16.91 -20.73 8.72
N VAL A 139 -16.68 -19.47 8.40
CA VAL A 139 -17.66 -18.41 8.57
C VAL A 139 -18.56 -18.62 7.31
N ASN A 140 -19.87 -18.92 7.53
CA ASN A 140 -20.87 -19.23 6.48
C ASN A 140 -20.84 -18.27 5.31
N GLY A 141 -20.63 -18.84 4.12
CA GLY A 141 -20.56 -18.13 2.85
C GLY A 141 -19.46 -17.10 2.71
N ARG A 142 -18.30 -17.34 3.33
CA ARG A 142 -17.11 -16.47 3.26
C ARG A 142 -15.87 -17.33 3.17
N HIS A 143 -14.80 -16.81 2.56
CA HIS A 143 -13.51 -17.51 2.53
C HIS A 143 -12.76 -17.06 3.79
N GLU A 144 -13.33 -17.45 4.94
CA GLU A 144 -12.86 -17.11 6.26
C GLU A 144 -13.16 -18.26 7.17
N TYR A 145 -12.13 -18.66 7.95
CA TYR A 145 -12.18 -19.79 8.88
C TYR A 145 -11.70 -19.36 10.26
N LEU A 146 -12.12 -20.09 11.29
CA LEU A 146 -11.73 -19.90 12.68
C LEU A 146 -11.10 -21.20 13.10
N TYR A 147 -9.83 -21.13 13.48
CA TYR A 147 -9.00 -22.26 13.91
C TYR A 147 -7.86 -21.70 14.77
N GLY A 148 -7.14 -22.59 15.44
CA GLY A 148 -6.02 -22.23 16.27
C GLY A 148 -6.35 -22.06 17.73
N ASN A 149 -5.32 -21.90 18.56
CA ASN A 149 -5.46 -21.75 20.00
C ASN A 149 -5.57 -20.28 20.37
N TYR A 150 -6.77 -19.76 20.13
CA TYR A 150 -7.17 -18.37 20.36
C TYR A 150 -8.60 -18.39 20.87
N PRO A 151 -8.92 -17.61 21.94
CA PRO A 151 -10.32 -17.52 22.35
C PRO A 151 -11.12 -16.85 21.25
N LEU A 152 -12.44 -17.09 21.22
CA LEU A 152 -13.31 -16.57 20.17
C LEU A 152 -13.36 -15.02 20.08
N CYS A 153 -13.19 -14.27 21.20
CA CYS A 153 -13.25 -12.79 21.20
C CYS A 153 -12.11 -12.16 20.39
N HIS A 154 -10.98 -12.89 20.27
CA HIS A 154 -9.78 -12.53 19.53
C HIS A 154 -9.94 -12.57 17.99
N PHE A 155 -10.91 -13.33 17.45
CA PHE A 155 -11.14 -13.35 15.98
C PHE A 155 -11.97 -12.13 15.61
N GLN A 156 -11.59 -11.49 14.50
CA GLN A 156 -12.29 -10.31 13.97
C GLN A 156 -13.78 -10.52 13.75
N TYR A 157 -14.14 -11.67 13.18
CA TYR A 157 -15.52 -12.01 12.87
C TYR A 157 -16.41 -12.09 14.12
N ILE A 158 -15.94 -12.75 15.18
CA ILE A 158 -16.68 -12.89 16.43
C ILE A 158 -16.82 -11.52 17.08
N CYS A 159 -15.69 -10.79 17.17
CA CYS A 159 -15.58 -9.42 17.70
C CYS A 159 -16.60 -8.51 17.02
N SER A 160 -16.67 -8.57 15.69
CA SER A 160 -17.61 -7.82 14.86
C SER A 160 -19.09 -8.20 15.20
N CYS A 161 -19.36 -9.50 15.36
CA CYS A 161 -20.65 -10.06 15.71
C CYS A 161 -21.10 -9.57 17.10
N LEU A 162 -20.15 -9.47 18.05
CA LEU A 162 -20.42 -9.00 19.41
C LEU A 162 -20.86 -7.55 19.44
N HIS A 163 -20.16 -6.67 18.69
CA HIS A 163 -20.47 -5.25 18.60
C HIS A 163 -21.80 -4.97 17.93
N SER A 164 -22.09 -5.69 16.82
CA SER A 164 -23.34 -5.53 16.06
C SER A 164 -24.55 -6.26 16.68
N GLY A 165 -24.33 -7.04 17.73
CA GLY A 165 -25.36 -7.83 18.41
C GLY A 165 -25.74 -9.12 17.70
N LEU A 166 -25.39 -9.27 16.39
CA LEU A 166 -25.66 -10.44 15.55
C LEU A 166 -25.02 -11.76 16.05
N THR A 167 -25.60 -12.92 15.65
CA THR A 167 -25.16 -14.29 16.01
C THR A 167 -24.13 -14.91 15.01
N PRO A 168 -22.93 -15.35 15.48
CA PRO A 168 -22.00 -16.04 14.57
C PRO A 168 -22.61 -17.32 13.96
N HIS A 169 -22.47 -17.47 12.65
CA HIS A 169 -22.95 -18.62 11.91
C HIS A 169 -21.73 -19.32 11.35
N LEU A 170 -21.43 -20.52 11.91
CA LEU A 170 -20.24 -21.30 11.58
C LEU A 170 -20.57 -22.65 10.98
N THR A 171 -19.70 -23.11 10.08
CA THR A 171 -19.85 -24.41 9.45
C THR A 171 -18.65 -25.24 9.83
N MET A 172 -18.88 -26.46 10.29
CA MET A 172 -17.86 -27.44 10.65
C MET A 172 -17.40 -28.08 9.36
N VAL A 173 -16.12 -27.83 9.00
CA VAL A 173 -15.49 -28.39 7.81
C VAL A 173 -14.40 -29.38 8.23
N HIS A 174 -14.46 -30.61 7.71
CA HIS A 174 -13.52 -31.69 8.00
C HIS A 174 -12.22 -31.55 7.23
N SER A 175 -11.12 -32.12 7.76
CA SER A 175 -9.78 -32.11 7.15
C SER A 175 -9.80 -32.63 5.71
N SER A 176 -10.59 -33.69 5.46
CA SER A 176 -10.79 -34.35 4.17
C SER A 176 -11.40 -33.40 3.13
N SER A 177 -12.26 -32.49 3.58
CA SER A 177 -12.90 -31.51 2.69
C SER A 177 -11.87 -30.40 2.33
N ILE A 178 -11.09 -29.92 3.33
CA ILE A 178 -10.00 -28.95 3.19
C ILE A 178 -8.92 -29.53 2.22
N LEU A 179 -8.56 -30.79 2.41
CA LEU A 179 -7.61 -31.51 1.55
C LEU A 179 -8.11 -31.61 0.12
N ALA A 180 -9.43 -31.87 -0.07
CA ALA A 180 -10.04 -31.90 -1.40
C ALA A 180 -9.90 -30.49 -2.07
N MET A 181 -9.94 -29.38 -1.27
CA MET A 181 -9.74 -28.01 -1.78
C MET A 181 -8.32 -27.88 -2.32
N ARG A 182 -7.31 -28.24 -1.50
CA ARG A 182 -5.88 -28.23 -1.83
C ARG A 182 -5.63 -28.98 -3.11
N ASP A 183 -6.18 -30.21 -3.24
CA ASP A 183 -6.01 -31.05 -4.42
C ASP A 183 -6.59 -30.41 -5.69
N GLU A 184 -7.82 -29.86 -5.60
CA GLU A 184 -8.55 -29.18 -6.69
C GLU A 184 -7.80 -27.97 -7.26
N GLN A 185 -7.03 -27.31 -6.39
CA GLN A 185 -6.34 -26.06 -6.69
C GLN A 185 -4.87 -26.20 -7.03
N SER A 186 -4.43 -27.42 -7.37
CA SER A 186 -3.06 -27.71 -7.74
C SER A 186 -2.67 -27.12 -9.09
N ASN A 187 -1.36 -26.92 -9.33
CA ASN A 187 -0.88 -26.51 -10.65
C ASN A 187 -0.97 -27.81 -11.49
N PRO A 188 -1.49 -27.80 -12.74
CA PRO A 188 -1.57 -29.05 -13.53
C PRO A 188 -0.22 -29.69 -13.80
N ALA A 189 -0.21 -31.00 -14.05
CA ALA A 189 1.00 -31.80 -14.33
C ALA A 189 1.49 -31.55 -15.75
N SER A 211 40.62 -5.21 -13.07
CA SER A 211 40.08 -4.70 -11.82
C SER A 211 39.65 -3.24 -11.94
N LEU A 212 38.42 -2.93 -11.48
CA LEU A 212 37.84 -1.59 -11.46
C LEU A 212 38.70 -0.60 -10.68
N TRP A 213 39.13 -1.00 -9.46
CA TRP A 213 39.90 -0.23 -8.49
C TRP A 213 41.30 0.22 -8.93
N SER A 214 41.73 -0.16 -10.15
CA SER A 214 43.02 0.23 -10.72
C SER A 214 42.84 1.38 -11.73
N LEU A 215 41.66 1.45 -12.35
CA LEU A 215 41.29 2.47 -13.33
C LEU A 215 41.10 3.86 -12.65
N GLU A 216 42.19 4.65 -12.56
CA GLU A 216 42.24 5.98 -11.93
C GLU A 216 41.75 7.14 -12.83
N GLN A 217 41.68 6.95 -14.17
CA GLN A 217 41.27 7.99 -15.12
C GLN A 217 39.87 8.56 -14.80
N PRO A 218 39.60 9.87 -15.08
CA PRO A 218 38.28 10.42 -14.74
C PRO A 218 37.18 9.80 -15.58
N PHE A 219 35.97 9.59 -14.99
CA PHE A 219 34.85 9.04 -15.76
C PHE A 219 34.50 10.05 -16.85
N SER A 220 34.31 9.56 -18.07
CA SER A 220 33.95 10.40 -19.21
C SER A 220 33.02 9.63 -20.16
N ILE A 221 32.28 10.37 -20.99
CA ILE A 221 31.38 9.86 -22.03
C ILE A 221 31.50 10.75 -23.26
N GLU A 222 30.98 10.27 -24.39
CA GLU A 222 30.88 11.05 -25.62
C GLU A 222 29.35 11.28 -25.78
N LEU A 223 28.97 12.55 -26.01
CA LEU A 223 27.58 12.94 -26.26
C LEU A 223 27.55 13.11 -27.77
N ILE A 224 27.04 12.07 -28.48
CA ILE A 224 27.05 12.05 -29.94
C ILE A 224 25.93 12.94 -30.52
N GLU A 225 24.67 12.47 -30.50
CA GLU A 225 23.55 13.21 -31.07
C GLU A 225 22.19 12.93 -30.39
N GLY A 226 21.21 13.78 -30.72
CA GLY A 226 19.82 13.68 -30.27
C GLY A 226 18.93 13.47 -31.49
N ARG A 227 17.86 12.72 -31.34
CA ARG A 227 16.92 12.44 -32.43
C ARG A 227 15.46 12.67 -32.00
N LYS A 228 14.60 13.17 -32.92
CA LYS A 228 13.16 13.41 -32.73
C LYS A 228 12.85 14.49 -31.65
N VAL A 229 13.76 15.46 -31.51
CA VAL A 229 13.66 16.58 -30.57
C VAL A 229 12.66 17.66 -31.07
N ASN A 230 11.79 18.13 -30.16
CA ASN A 230 10.79 19.17 -30.43
C ASN A 230 10.95 20.35 -29.48
N ALA A 231 11.22 21.56 -30.02
CA ALA A 231 11.37 22.81 -29.27
C ALA A 231 11.36 24.03 -30.19
N ASP A 232 11.18 25.23 -29.58
CA ASP A 232 11.21 26.53 -30.25
C ASP A 232 12.56 26.69 -30.94
N GLU A 233 12.53 26.91 -32.27
CA GLU A 233 13.73 27.00 -33.10
C GLU A 233 14.52 28.33 -32.93
N ARG A 234 13.95 29.29 -32.16
CA ARG A 234 14.60 30.58 -31.86
C ARG A 234 15.68 30.37 -30.77
N MET A 235 15.47 29.33 -29.94
CA MET A 235 16.28 28.90 -28.80
C MET A 235 17.40 27.92 -29.21
N LYS A 236 18.21 27.48 -28.21
CA LYS A 236 19.32 26.51 -28.40
C LYS A 236 19.14 25.32 -27.47
N LEU A 237 19.70 24.15 -27.83
CA LEU A 237 19.59 22.90 -27.03
C LEU A 237 20.84 22.63 -26.20
N VAL A 238 20.63 22.13 -24.97
CA VAL A 238 21.70 21.80 -24.02
C VAL A 238 21.39 20.46 -23.35
N VAL A 239 22.42 19.63 -23.14
CA VAL A 239 22.33 18.37 -22.40
C VAL A 239 23.10 18.56 -21.09
N GLN A 240 22.41 18.40 -19.96
CA GLN A 240 23.00 18.49 -18.63
C GLN A 240 23.17 17.03 -18.20
N ALA A 241 24.31 16.70 -17.62
CA ALA A 241 24.58 15.33 -17.19
C ALA A 241 25.20 15.32 -15.79
N GLY A 242 24.84 14.31 -15.01
CA GLY A 242 25.32 14.17 -13.64
C GLY A 242 25.35 12.74 -13.15
N LEU A 243 26.34 12.42 -12.27
CA LEU A 243 26.50 11.08 -11.68
C LEU A 243 25.89 11.07 -10.30
N PHE A 244 24.98 10.14 -10.08
CA PHE A 244 24.22 10.04 -8.83
C PHE A 244 24.28 8.67 -8.15
N HIS A 245 24.29 8.71 -6.82
CA HIS A 245 24.16 7.55 -5.99
C HIS A 245 22.88 7.82 -5.20
N GLY A 246 21.77 7.32 -5.74
CA GLY A 246 20.44 7.61 -5.22
C GLY A 246 20.09 9.04 -5.56
N ASN A 247 19.92 9.88 -4.52
CA ASN A 247 19.61 11.31 -4.62
C ASN A 247 20.87 12.14 -4.58
N GLU A 248 21.91 11.65 -3.91
CA GLU A 248 23.17 12.36 -3.73
C GLU A 248 24.05 12.38 -4.97
N MET A 249 24.68 13.54 -5.26
CA MET A 249 25.60 13.68 -6.40
C MET A 249 26.94 13.04 -6.06
N LEU A 250 27.55 12.34 -7.04
CA LEU A 250 28.85 11.68 -6.88
C LEU A 250 30.01 12.64 -7.18
N CYS A 251 29.67 13.72 -7.91
CA CYS A 251 30.52 14.84 -8.33
C CYS A 251 29.59 15.94 -8.88
N LYS A 252 30.18 17.05 -9.33
CA LYS A 252 29.46 18.19 -9.89
C LYS A 252 28.84 17.83 -11.24
N THR A 253 27.70 18.45 -11.56
CA THR A 253 27.05 18.18 -12.85
C THR A 253 27.84 18.89 -13.96
N VAL A 254 27.89 18.31 -15.17
CA VAL A 254 28.61 18.89 -16.31
C VAL A 254 27.63 19.10 -17.48
N SER A 255 27.65 20.29 -18.09
CA SER A 255 26.74 20.61 -19.18
C SER A 255 27.42 20.65 -20.55
N SER A 256 26.63 20.45 -21.62
CA SER A 256 27.10 20.50 -23.00
C SER A 256 27.15 21.97 -23.47
N SER A 257 27.64 22.21 -24.69
CA SER A 257 27.61 23.56 -25.26
C SER A 257 26.26 23.80 -25.98
N GLU A 258 25.94 25.09 -26.23
CA GLU A 258 24.70 25.55 -26.86
C GLU A 258 24.68 25.33 -28.38
N VAL A 259 24.09 24.20 -28.79
CA VAL A 259 23.88 23.75 -30.17
C VAL A 259 22.48 24.24 -30.61
N ASN A 260 22.32 24.72 -31.86
CA ASN A 260 21.04 25.24 -32.40
C ASN A 260 19.94 24.19 -32.44
N VAL A 261 18.71 24.59 -32.02
CA VAL A 261 17.51 23.75 -32.00
C VAL A 261 17.23 23.22 -33.40
N CYS A 262 16.93 21.91 -33.48
CA CYS A 262 16.57 21.13 -34.68
C CYS A 262 16.17 19.71 -34.23
N SER A 263 15.56 18.92 -35.13
CA SER A 263 15.09 17.54 -34.86
C SER A 263 16.24 16.58 -34.54
N GLU A 264 17.39 16.75 -35.21
CA GLU A 264 18.57 15.92 -35.01
C GLU A 264 19.82 16.71 -34.53
N PRO A 265 19.86 17.24 -33.27
CA PRO A 265 21.07 17.95 -32.80
C PRO A 265 22.30 17.06 -32.75
N VAL A 266 23.43 17.57 -33.21
CA VAL A 266 24.68 16.82 -33.20
C VAL A 266 25.71 17.53 -32.32
N TRP A 267 26.17 16.85 -31.24
CA TRP A 267 27.19 17.39 -30.35
C TRP A 267 28.57 16.83 -30.67
N LYS A 268 28.71 15.47 -30.64
CA LYS A 268 29.95 14.72 -30.87
C LYS A 268 31.08 15.27 -29.96
N GLN A 269 30.76 15.44 -28.66
CA GLN A 269 31.70 16.00 -27.69
C GLN A 269 31.85 15.18 -26.40
N ARG A 270 33.07 15.23 -25.81
CA ARG A 270 33.46 14.54 -24.57
C ARG A 270 32.97 15.28 -23.33
N LEU A 271 32.19 14.57 -22.49
CA LEU A 271 31.73 15.09 -21.22
C LEU A 271 32.58 14.40 -20.15
N GLU A 272 33.49 15.15 -19.52
CA GLU A 272 34.42 14.62 -18.52
C GLU A 272 33.96 14.98 -17.13
N PHE A 273 33.92 13.98 -16.25
CA PHE A 273 33.46 14.11 -14.86
C PHE A 273 34.62 14.06 -13.87
N ASP A 274 34.44 14.75 -12.72
CA ASP A 274 35.40 14.81 -11.64
C ASP A 274 35.12 13.67 -10.65
N ILE A 275 35.59 12.47 -11.00
CA ILE A 275 35.48 11.21 -10.25
C ILE A 275 36.18 10.12 -11.04
N SER A 276 37.08 9.37 -10.37
CA SER A 276 37.80 8.28 -11.03
C SER A 276 36.87 7.11 -11.34
N VAL A 277 37.19 6.36 -12.42
CA VAL A 277 36.41 5.17 -12.82
C VAL A 277 36.43 4.16 -11.66
N CYS A 278 37.54 4.07 -10.91
CA CYS A 278 37.70 3.18 -9.75
C CYS A 278 36.76 3.50 -8.60
N ASP A 279 36.34 4.77 -8.47
CA ASP A 279 35.47 5.25 -7.39
C ASP A 279 33.97 5.20 -7.69
N LEU A 280 33.59 4.79 -8.91
CA LEU A 280 32.18 4.66 -9.29
C LEU A 280 31.54 3.58 -8.39
N PRO A 281 30.49 3.84 -7.56
CA PRO A 281 29.94 2.75 -6.75
C PRO A 281 29.06 1.88 -7.61
N ARG A 282 28.76 0.66 -7.13
CA ARG A 282 27.97 -0.35 -7.85
C ARG A 282 26.65 0.18 -8.41
N MET A 283 25.95 0.98 -7.60
CA MET A 283 24.62 1.54 -7.95
C MET A 283 24.68 2.95 -8.56
N ALA A 284 25.84 3.33 -9.16
CA ALA A 284 26.03 4.63 -9.80
C ALA A 284 25.14 4.74 -11.02
N ARG A 285 24.43 5.87 -11.15
CA ARG A 285 23.56 6.18 -12.27
C ARG A 285 23.93 7.48 -12.99
N LEU A 286 24.00 7.43 -14.33
CA LEU A 286 24.30 8.57 -15.17
C LEU A 286 22.96 9.15 -15.61
N CYS A 287 22.71 10.41 -15.19
CA CYS A 287 21.43 11.07 -15.45
C CYS A 287 21.53 12.24 -16.43
N PHE A 288 20.66 12.22 -17.45
CA PHE A 288 20.60 13.25 -18.49
C PHE A 288 19.33 14.07 -18.46
N ALA A 289 19.45 15.30 -18.93
CA ALA A 289 18.34 16.23 -19.11
C ALA A 289 18.67 17.13 -20.28
N LEU A 290 17.85 16.97 -21.32
CA LEU A 290 17.90 17.75 -22.55
C LEU A 290 16.88 18.85 -22.37
N TYR A 291 17.27 20.08 -22.64
CA TYR A 291 16.41 21.23 -22.50
C TYR A 291 16.77 22.32 -23.52
N ALA A 292 15.92 23.35 -23.62
CA ALA A 292 16.09 24.49 -24.53
C ALA A 292 16.29 25.78 -23.75
N VAL A 293 17.26 26.60 -24.19
CA VAL A 293 17.59 27.88 -23.54
C VAL A 293 17.42 29.09 -24.48
N VAL A 294 16.98 30.23 -23.90
CA VAL A 294 16.80 31.51 -24.58
C VAL A 294 18.20 32.13 -24.84
N ASP A 311 14.35 28.99 -19.20
CA ASP A 311 14.67 27.58 -19.30
C ASP A 311 13.45 26.76 -19.72
N CYS A 312 13.62 25.92 -20.75
CA CYS A 312 12.57 25.09 -21.33
C CYS A 312 12.93 23.58 -21.19
N PRO A 313 12.43 22.87 -20.15
CA PRO A 313 12.75 21.42 -20.04
C PRO A 313 12.01 20.57 -21.08
N ILE A 314 12.77 19.72 -21.79
CA ILE A 314 12.26 18.89 -22.88
C ILE A 314 12.13 17.42 -22.49
N ALA A 315 13.27 16.78 -22.16
CA ALA A 315 13.32 15.36 -21.83
C ALA A 315 14.45 15.02 -20.88
N TRP A 316 14.33 13.85 -20.22
CA TRP A 316 15.31 13.28 -19.29
C TRP A 316 15.46 11.76 -19.56
N ALA A 317 16.60 11.17 -19.14
CA ALA A 317 16.91 9.74 -19.31
C ALA A 317 18.04 9.38 -18.35
N ASN A 318 17.96 8.20 -17.74
CA ASN A 318 18.97 7.69 -16.82
C ASN A 318 19.37 6.29 -17.20
N LEU A 319 20.57 5.91 -16.77
CA LEU A 319 21.10 4.56 -16.95
C LEU A 319 22.04 4.22 -15.80
N MET A 320 22.12 2.93 -15.47
CA MET A 320 23.06 2.37 -14.52
C MET A 320 24.37 2.21 -15.31
N LEU A 321 25.53 2.50 -14.69
CA LEU A 321 26.87 2.39 -15.31
C LEU A 321 27.34 0.94 -15.38
N PHE A 322 26.88 0.11 -14.43
CA PHE A 322 27.13 -1.34 -14.40
C PHE A 322 25.81 -2.04 -14.80
N ASP A 323 25.90 -3.17 -15.54
CA ASP A 323 24.72 -3.92 -15.95
C ASP A 323 24.24 -4.85 -14.81
N TYR A 324 23.19 -5.67 -15.05
CA TYR A 324 22.66 -6.59 -14.06
C TYR A 324 23.66 -7.73 -13.67
N LYS A 325 24.59 -8.06 -14.58
CA LYS A 325 25.62 -9.08 -14.38
C LYS A 325 26.95 -8.48 -13.82
N ASP A 326 26.85 -7.22 -13.32
CA ASP A 326 27.87 -6.38 -12.69
C ASP A 326 28.98 -5.90 -13.64
N GLN A 327 28.73 -5.92 -14.97
CA GLN A 327 29.75 -5.48 -15.92
C GLN A 327 29.64 -3.99 -16.19
N LEU A 328 30.81 -3.27 -16.22
CA LEU A 328 30.82 -1.84 -16.53
C LEU A 328 30.43 -1.69 -18.00
N LYS A 329 29.55 -0.73 -18.29
CA LYS A 329 29.01 -0.62 -19.63
C LYS A 329 29.88 0.11 -20.62
N THR A 330 30.06 -0.49 -21.81
CA THR A 330 30.79 0.08 -22.93
C THR A 330 29.96 0.02 -24.20
N GLY A 331 30.34 0.82 -25.18
CA GLY A 331 29.70 0.89 -26.49
C GLY A 331 28.70 2.02 -26.63
N GLU A 332 28.05 2.08 -27.80
CA GLU A 332 27.04 3.09 -28.07
C GLU A 332 25.76 2.75 -27.32
N ARG A 333 25.06 3.79 -26.82
CA ARG A 333 23.80 3.64 -26.14
C ARG A 333 22.81 4.65 -26.69
N CYS A 334 21.69 4.15 -27.22
CA CYS A 334 20.61 5.01 -27.66
C CYS A 334 19.63 5.01 -26.49
N LEU A 335 19.36 6.20 -25.95
CA LEU A 335 18.51 6.41 -24.79
C LEU A 335 17.19 7.04 -25.23
N TYR A 336 16.11 6.26 -25.19
CA TYR A 336 14.78 6.75 -25.53
C TYR A 336 14.27 7.52 -24.31
N MET A 337 14.33 8.85 -24.43
CA MET A 337 14.03 9.80 -23.36
C MET A 337 12.56 9.90 -22.97
N TRP A 338 12.35 10.29 -21.71
CA TRP A 338 11.06 10.52 -21.08
C TRP A 338 10.76 12.03 -21.06
N PRO A 339 9.53 12.44 -21.44
CA PRO A 339 9.21 13.88 -21.45
C PRO A 339 9.21 14.54 -20.08
N SER A 340 9.75 15.76 -20.02
CA SER A 340 9.89 16.52 -18.78
C SER A 340 8.66 17.38 -18.45
N VAL A 341 8.09 17.16 -17.24
CA VAL A 341 6.90 17.87 -16.73
C VAL A 341 7.33 19.08 -15.90
N LEU A 348 16.80 20.17 -12.66
CA LEU A 348 16.25 19.65 -13.91
C LEU A 348 16.48 18.15 -14.02
N LEU A 349 17.64 17.65 -13.49
CA LEU A 349 17.98 16.23 -13.52
C LEU A 349 17.04 15.41 -12.63
N ASN A 350 16.64 14.21 -13.09
CA ASN A 350 15.71 13.34 -12.37
C ASN A 350 16.34 12.00 -11.88
N PRO A 351 17.25 12.01 -10.86
CA PRO A 351 17.89 10.75 -10.42
C PRO A 351 16.95 9.63 -9.95
N ALA A 352 15.81 9.97 -9.31
CA ALA A 352 14.85 8.96 -8.83
C ALA A 352 14.06 8.26 -9.96
N GLY A 353 14.06 8.88 -11.14
CA GLY A 353 13.45 8.37 -12.37
C GLY A 353 14.06 7.08 -12.84
N THR A 354 13.24 6.23 -13.48
CA THR A 354 13.59 4.90 -14.02
C THR A 354 14.87 4.91 -14.88
N VAL A 355 15.62 3.82 -14.79
CA VAL A 355 16.86 3.60 -15.54
C VAL A 355 16.61 2.86 -16.86
N ARG A 356 15.34 2.67 -17.24
CA ARG A 356 15.00 1.98 -18.49
C ARG A 356 14.39 3.00 -19.44
N GLY A 357 14.66 2.81 -20.74
CA GLY A 357 14.19 3.70 -21.79
C GLY A 357 12.69 3.75 -21.99
N ASN A 358 12.23 4.83 -22.65
CA ASN A 358 10.82 5.05 -23.00
C ASN A 358 10.43 3.99 -24.08
N PRO A 359 9.43 3.13 -23.84
CA PRO A 359 9.07 2.11 -24.85
C PRO A 359 8.51 2.66 -26.16
N ASN A 360 7.91 3.87 -26.12
CA ASN A 360 7.34 4.53 -27.30
C ASN A 360 8.47 5.11 -28.14
N THR A 361 9.18 4.23 -28.88
CA THR A 361 10.34 4.56 -29.72
C THR A 361 9.98 5.34 -31.00
N GLU A 362 8.71 5.31 -31.44
CA GLU A 362 8.24 6.03 -32.62
C GLU A 362 8.20 7.55 -32.39
N SER A 363 7.75 7.98 -31.22
CA SER A 363 7.58 9.39 -30.84
C SER A 363 8.65 9.99 -29.92
N ALA A 364 9.38 9.15 -29.15
CA ALA A 364 10.37 9.60 -28.17
C ALA A 364 11.59 10.28 -28.76
N ALA A 365 12.09 11.27 -28.00
CA ALA A 365 13.33 11.94 -28.27
C ALA A 365 14.38 10.92 -27.82
N ALA A 366 15.48 10.78 -28.58
CA ALA A 366 16.50 9.80 -28.25
C ALA A 366 17.87 10.43 -28.22
N LEU A 367 18.58 10.29 -27.09
CA LEU A 367 19.94 10.77 -26.95
C LEU A 367 20.84 9.57 -27.24
N VAL A 368 21.87 9.77 -28.05
CA VAL A 368 22.85 8.76 -28.46
C VAL A 368 24.15 9.18 -27.77
N ILE A 369 24.70 8.27 -26.99
CA ILE A 369 25.92 8.49 -26.19
C ILE A 369 26.89 7.36 -26.42
N TYR A 370 28.17 7.57 -26.08
CA TYR A 370 29.16 6.51 -26.18
C TYR A 370 29.86 6.33 -24.86
N LEU A 371 29.90 5.08 -24.38
CA LEU A 371 30.55 4.71 -23.13
C LEU A 371 31.90 4.12 -23.51
N PRO A 372 33.00 4.82 -23.16
CA PRO A 372 34.33 4.37 -23.64
C PRO A 372 34.84 3.08 -23.00
N GLU A 373 35.64 2.34 -23.78
CA GLU A 373 36.27 1.08 -23.39
C GLU A 373 37.51 1.45 -22.60
N VAL A 374 37.36 1.42 -21.28
CA VAL A 374 38.35 1.80 -20.26
C VAL A 374 39.48 0.77 -20.03
N ALA A 375 39.34 -0.45 -20.59
CA ALA A 375 40.29 -1.56 -20.47
C ALA A 375 40.15 -2.54 -21.65
N PRO A 376 41.22 -3.28 -22.05
CA PRO A 376 41.08 -4.22 -23.19
C PRO A 376 40.24 -5.47 -22.90
N HIS A 377 39.84 -5.68 -21.63
CA HIS A 377 39.05 -6.81 -21.16
C HIS A 377 37.79 -6.33 -20.41
N PRO A 378 36.69 -7.13 -20.31
CA PRO A 378 35.52 -6.66 -19.55
C PRO A 378 35.83 -6.46 -18.07
N VAL A 379 35.36 -5.31 -17.52
CA VAL A 379 35.57 -4.92 -16.11
C VAL A 379 34.26 -5.05 -15.31
N TYR A 380 34.31 -5.92 -14.31
CA TYR A 380 33.19 -6.22 -13.42
C TYR A 380 33.33 -5.55 -12.08
N PHE A 381 32.22 -5.27 -11.37
CA PHE A 381 32.34 -4.69 -10.04
C PHE A 381 32.92 -5.77 -9.10
N PRO A 382 33.94 -5.44 -8.27
CA PRO A 382 34.52 -6.45 -7.36
C PRO A 382 33.51 -7.26 -6.55
N ALA A 383 33.83 -8.54 -6.30
CA ALA A 383 33.00 -9.45 -5.52
C ALA A 383 33.04 -9.01 -4.07
N LEU A 384 32.03 -9.43 -3.26
CA LEU A 384 31.93 -9.10 -1.83
C LEU A 384 33.18 -9.43 -1.05
N GLU A 385 33.76 -10.63 -1.29
CA GLU A 385 34.99 -11.14 -0.68
C GLU A 385 36.19 -10.20 -0.93
N LYS A 386 36.26 -9.59 -2.13
CA LYS A 386 37.29 -8.60 -2.48
C LYS A 386 37.02 -7.26 -1.77
N ILE A 387 35.71 -6.89 -1.60
CA ILE A 387 35.28 -5.65 -0.93
C ILE A 387 35.57 -5.72 0.59
N LEU A 388 35.18 -6.84 1.23
CA LEU A 388 35.37 -7.08 2.67
C LEU A 388 36.85 -7.10 3.01
N GLU A 389 37.69 -7.65 2.11
CA GLU A 389 39.14 -7.69 2.23
C GLU A 389 39.70 -6.29 2.42
N LEU A 390 39.35 -5.34 1.51
CA LEU A 390 39.81 -3.94 1.53
C LEU A 390 39.30 -3.16 2.77
N GLY A 391 38.02 -3.37 3.11
CA GLY A 391 37.33 -2.72 4.22
C GLY A 391 37.68 -3.23 5.60
N ARG A 392 38.29 -4.45 5.66
CA ARG A 392 38.77 -5.12 6.89
C ARG A 392 39.78 -4.20 7.59
N HIS A 393 40.71 -3.65 6.80
CA HIS A 393 41.80 -2.79 7.24
C HIS A 393 41.32 -1.39 7.55
N GLY A 394 41.38 -1.06 8.82
CA GLY A 394 40.98 0.24 9.35
C GLY A 394 41.68 0.59 10.64
N GLU A 395 41.21 1.70 11.24
CA GLU A 395 41.70 2.24 12.50
C GLU A 395 40.47 2.56 13.31
N ARG A 396 40.41 2.02 14.54
CA ARG A 396 39.29 2.23 15.44
C ARG A 396 39.46 3.53 16.21
N GLY A 397 38.35 4.26 16.35
CA GLY A 397 38.30 5.57 16.98
C GLY A 397 38.57 5.61 18.48
N ARG A 398 39.82 5.94 18.85
CA ARG A 398 40.21 6.13 20.25
C ARG A 398 39.73 7.55 20.56
N ILE A 399 38.68 7.68 21.38
CA ILE A 399 38.10 8.99 21.63
C ILE A 399 37.93 9.31 23.12
N THR A 400 37.87 10.62 23.42
CA THR A 400 37.69 11.18 24.75
C THR A 400 36.27 10.93 25.24
N GLU A 401 36.08 10.90 26.57
CA GLU A 401 34.79 10.73 27.25
C GLU A 401 33.81 11.83 26.83
N GLU A 402 34.34 13.05 26.57
CA GLU A 402 33.63 14.26 26.12
C GLU A 402 33.24 14.18 24.64
N GLU A 403 34.13 13.64 23.78
CA GLU A 403 33.86 13.48 22.34
C GLU A 403 32.97 12.25 22.09
N GLN A 404 32.92 11.33 23.08
CA GLN A 404 32.06 10.14 23.10
C GLN A 404 30.64 10.62 23.45
N LEU A 405 30.55 11.67 24.32
CA LEU A 405 29.31 12.30 24.76
C LEU A 405 28.66 13.08 23.61
N GLN A 406 29.49 13.65 22.72
CA GLN A 406 29.05 14.42 21.55
C GLN A 406 28.39 13.49 20.53
N LEU A 407 28.96 12.27 20.35
CA LEU A 407 28.43 11.23 19.46
C LEU A 407 27.09 10.70 19.97
N ARG A 408 26.97 10.43 21.29
CA ARG A 408 25.73 9.94 21.92
C ARG A 408 24.61 10.99 21.76
N GLU A 409 24.96 12.29 21.83
CA GLU A 409 24.05 13.43 21.66
C GLU A 409 23.46 13.52 20.25
N ILE A 410 24.25 13.18 19.21
CA ILE A 410 23.80 13.29 17.82
C ILE A 410 23.15 11.99 17.29
N LEU A 411 23.57 10.80 17.79
CA LEU A 411 22.98 9.53 17.36
C LEU A 411 21.62 9.24 18.04
N GLU A 412 21.28 10.04 19.07
CA GLU A 412 20.02 9.94 19.81
C GLU A 412 19.12 11.16 19.54
N ARG A 413 19.55 12.06 18.63
CA ARG A 413 18.84 13.29 18.27
C ARG A 413 17.61 13.01 17.40
N GLY A 417 16.85 14.45 10.48
CA GLY A 417 17.78 15.24 11.29
C GLY A 417 19.15 15.46 10.64
N GLU A 418 19.34 16.63 10.00
CA GLU A 418 20.58 17.03 9.33
C GLU A 418 21.72 17.34 10.33
N LEU A 419 22.99 17.22 9.85
CA LEU A 419 24.21 17.46 10.64
C LEU A 419 25.15 18.43 9.93
N TYR A 420 26.01 19.13 10.70
CA TYR A 420 27.05 20.00 10.16
C TYR A 420 28.23 19.12 9.75
N GLU A 421 29.11 19.62 8.85
CA GLU A 421 30.26 18.88 8.30
C GLU A 421 31.16 18.22 9.35
N HIS A 422 31.47 18.92 10.46
CA HIS A 422 32.34 18.39 11.53
C HIS A 422 31.69 17.22 12.30
N GLU A 423 30.35 17.24 12.43
CA GLU A 423 29.60 16.18 13.11
C GLU A 423 29.64 14.88 12.31
N LYS A 424 29.72 15.00 10.96
CA LYS A 424 29.84 13.87 10.03
C LYS A 424 31.23 13.22 10.18
N ASP A 425 32.30 14.04 10.22
CA ASP A 425 33.69 13.59 10.43
C ASP A 425 33.82 12.74 11.71
N LEU A 426 33.04 13.08 12.75
CA LEU A 426 33.03 12.38 14.05
C LEU A 426 32.20 11.10 14.00
N VAL A 427 31.04 11.10 13.28
CA VAL A 427 30.21 9.90 13.13
C VAL A 427 31.01 8.85 12.35
N TRP A 428 31.71 9.27 11.26
CA TRP A 428 32.55 8.41 10.42
C TRP A 428 33.69 7.79 11.19
N LYS A 429 34.46 8.60 11.92
CA LYS A 429 35.60 8.16 12.74
C LYS A 429 35.15 7.13 13.78
N MET A 430 33.95 7.33 14.35
CA MET A 430 33.37 6.46 15.38
C MET A 430 32.39 5.43 14.81
N ARG A 431 32.65 4.96 13.56
CA ARG A 431 31.79 3.97 12.88
C ARG A 431 31.75 2.62 13.60
N HIS A 432 32.88 2.21 14.25
CA HIS A 432 32.96 0.94 14.99
C HIS A 432 32.09 1.03 16.24
N GLU A 433 32.09 2.21 16.89
CA GLU A 433 31.30 2.46 18.09
C GLU A 433 29.81 2.58 17.78
N VAL A 434 29.48 3.04 16.55
CA VAL A 434 28.10 3.14 16.02
C VAL A 434 27.58 1.70 15.89
N GLN A 435 28.37 0.80 15.27
CA GLN A 435 28.03 -0.62 15.13
C GLN A 435 27.80 -1.33 16.45
N GLU A 436 28.72 -1.17 17.41
CA GLU A 436 28.67 -1.86 18.69
C GLU A 436 27.73 -1.24 19.76
N HIS A 437 27.55 0.09 19.80
CA HIS A 437 26.73 0.67 20.87
C HIS A 437 25.45 1.36 20.43
N PHE A 438 25.35 1.75 19.14
CA PHE A 438 24.15 2.39 18.59
C PHE A 438 23.80 1.73 17.23
N PRO A 439 23.61 0.37 17.16
CA PRO A 439 23.33 -0.26 15.84
C PRO A 439 22.15 0.34 15.09
N GLU A 440 21.14 0.84 15.83
CA GLU A 440 19.96 1.48 15.26
C GLU A 440 20.28 2.83 14.57
N ALA A 441 21.56 3.31 14.66
CA ALA A 441 22.00 4.56 14.03
C ALA A 441 22.76 4.33 12.69
N LEU A 442 22.62 3.11 12.13
CA LEU A 442 23.16 2.66 10.85
C LEU A 442 22.79 3.64 9.71
N ALA A 443 21.51 4.03 9.62
CA ALA A 443 21.04 4.99 8.61
C ALA A 443 21.79 6.35 8.66
N ARG A 444 22.10 6.87 9.88
CA ARG A 444 22.84 8.14 10.05
C ARG A 444 24.23 8.01 9.54
N LEU A 445 24.90 6.89 9.89
CA LEU A 445 26.25 6.54 9.47
C LEU A 445 26.33 6.35 7.94
N LEU A 446 25.36 5.62 7.36
CA LEU A 446 25.29 5.40 5.90
C LEU A 446 25.23 6.73 5.15
N LEU A 447 24.56 7.73 5.75
CA LEU A 447 24.45 9.07 5.16
C LEU A 447 25.74 9.92 5.30
N VAL A 448 26.64 9.58 6.24
CA VAL A 448 27.90 10.32 6.38
C VAL A 448 29.01 9.69 5.48
N THR A 449 28.77 8.45 4.99
CA THR A 449 29.69 7.71 4.12
C THR A 449 29.82 8.43 2.80
N LYS A 450 31.06 8.60 2.35
CA LYS A 450 31.44 9.20 1.08
C LYS A 450 31.34 8.06 0.08
N TRP A 451 30.20 8.00 -0.67
CA TRP A 451 29.92 6.95 -1.65
C TRP A 451 30.74 7.12 -2.96
N ASN A 452 31.52 8.24 -3.07
CA ASN A 452 32.39 8.56 -4.20
C ASN A 452 33.84 8.16 -3.94
N LYS A 453 34.10 7.45 -2.84
CA LYS A 453 35.43 6.96 -2.43
C LYS A 453 35.27 5.46 -2.24
N HIS A 454 35.82 4.64 -3.16
CA HIS A 454 35.71 3.18 -3.14
C HIS A 454 36.24 2.50 -1.84
N GLU A 455 37.15 3.17 -1.10
CA GLU A 455 37.75 2.67 0.14
C GLU A 455 36.85 2.98 1.34
N ASP A 456 36.20 4.17 1.35
CA ASP A 456 35.23 4.54 2.40
C ASP A 456 34.00 3.63 2.30
N VAL A 457 33.59 3.26 1.05
CA VAL A 457 32.45 2.37 0.74
C VAL A 457 32.77 0.94 1.22
N ALA A 458 34.03 0.49 1.03
CA ALA A 458 34.53 -0.82 1.45
C ALA A 458 34.55 -0.93 2.98
N GLN A 459 34.98 0.14 3.70
CA GLN A 459 35.01 0.17 5.18
C GLN A 459 33.57 0.11 5.70
N MET A 460 32.64 0.83 5.04
CA MET A 460 31.23 0.82 5.38
C MET A 460 30.62 -0.58 5.19
N LEU A 461 30.90 -1.23 4.03
CA LEU A 461 30.35 -2.55 3.73
C LEU A 461 30.85 -3.66 4.65
N TYR A 462 32.12 -3.57 5.15
CA TYR A 462 32.70 -4.54 6.08
C TYR A 462 31.92 -4.59 7.40
N LEU A 463 31.56 -3.39 7.93
CA LEU A 463 30.76 -3.25 9.16
C LEU A 463 29.33 -3.71 8.93
N LEU A 464 28.69 -3.25 7.83
CA LEU A 464 27.30 -3.62 7.49
C LEU A 464 27.12 -5.13 7.42
N CYS A 465 28.16 -5.82 6.92
CA CYS A 465 28.15 -7.27 6.75
C CYS A 465 28.24 -8.02 8.08
N SER A 466 28.64 -7.33 9.17
CA SER A 466 28.60 -7.93 10.51
C SER A 466 27.57 -7.19 11.43
N TRP A 467 26.83 -6.20 10.86
CA TRP A 467 25.81 -5.41 11.56
C TRP A 467 24.68 -6.31 12.07
N PRO A 468 24.22 -6.17 13.35
CA PRO A 468 23.10 -7.00 13.82
C PRO A 468 21.80 -6.63 13.09
N GLU A 469 20.86 -7.59 13.00
CA GLU A 469 19.54 -7.36 12.38
C GLU A 469 18.83 -6.26 13.12
N LEU A 470 18.36 -5.27 12.38
CA LEU A 470 17.66 -4.11 12.96
C LEU A 470 16.16 -4.35 13.11
N PRO A 471 15.43 -3.57 13.96
CA PRO A 471 13.97 -3.75 14.03
C PRO A 471 13.29 -3.36 12.71
N VAL A 472 12.09 -3.91 12.48
CA VAL A 472 11.23 -3.66 11.32
C VAL A 472 11.16 -2.15 11.00
N LEU A 473 10.99 -1.30 12.05
CA LEU A 473 10.90 0.15 11.88
C LEU A 473 12.18 0.74 11.21
N SER A 474 13.35 0.26 11.62
CA SER A 474 14.62 0.70 11.07
C SER A 474 14.79 0.23 9.61
N ALA A 475 14.39 -1.01 9.32
CA ALA A 475 14.46 -1.61 7.99
C ALA A 475 13.62 -0.87 6.96
N LEU A 476 12.46 -0.30 7.34
CA LEU A 476 11.57 0.47 6.45
C LEU A 476 12.19 1.77 6.01
N GLU A 477 12.96 2.38 6.91
CA GLU A 477 13.67 3.62 6.64
C GLU A 477 14.77 3.32 5.62
N LEU A 478 15.41 2.14 5.74
CA LEU A 478 16.46 1.71 4.85
C LEU A 478 15.99 1.35 3.46
N LEU A 479 14.68 1.26 3.20
CA LEU A 479 14.18 0.97 1.84
C LEU A 479 14.00 2.27 1.09
N ASP A 480 14.26 3.40 1.75
CA ASP A 480 14.16 4.68 1.08
C ASP A 480 15.22 4.75 -0.02
N PHE A 481 14.94 5.54 -1.07
CA PHE A 481 15.85 5.75 -2.19
C PHE A 481 17.18 6.47 -1.76
N SER A 482 17.22 7.09 -0.55
CA SER A 482 18.42 7.71 0.05
C SER A 482 19.48 6.64 0.43
N PHE A 483 19.14 5.34 0.32
CA PHE A 483 20.02 4.21 0.61
C PHE A 483 20.02 3.35 -0.64
N PRO A 484 20.58 3.83 -1.78
CA PRO A 484 20.49 3.04 -3.02
C PRO A 484 21.39 1.82 -3.12
N ASP A 485 22.42 1.72 -2.23
CA ASP A 485 23.35 0.60 -2.28
C ASP A 485 22.63 -0.73 -2.17
N CYS A 486 22.94 -1.67 -3.09
CA CYS A 486 22.32 -2.99 -3.19
C CYS A 486 22.59 -3.87 -1.97
N TYR A 487 23.73 -3.69 -1.29
CA TYR A 487 24.03 -4.45 -0.07
C TYR A 487 23.23 -3.90 1.09
N VAL A 488 22.95 -2.58 1.08
CA VAL A 488 22.11 -1.92 2.08
C VAL A 488 20.66 -2.39 1.91
N GLY A 489 20.21 -2.52 0.66
CA GLY A 489 18.87 -3.00 0.33
C GLY A 489 18.64 -4.45 0.73
N SER A 490 19.64 -5.32 0.49
CA SER A 490 19.64 -6.74 0.83
C SER A 490 19.55 -6.89 2.37
N PHE A 491 20.34 -6.06 3.11
CA PHE A 491 20.38 -6.00 4.57
C PHE A 491 18.99 -5.60 5.10
N ALA A 492 18.35 -4.62 4.41
CA ALA A 492 17.07 -4.09 4.80
C ALA A 492 15.99 -5.17 4.70
N ILE A 493 15.99 -5.96 3.59
CA ILE A 493 15.06 -7.09 3.38
C ILE A 493 15.30 -8.19 4.43
N LYS A 494 16.58 -8.42 4.75
CA LYS A 494 17.03 -9.37 5.77
C LYS A 494 16.39 -9.03 7.11
N SER A 495 16.36 -7.74 7.50
CA SER A 495 15.73 -7.30 8.75
C SER A 495 14.16 -7.30 8.62
N LEU A 496 13.63 -7.36 7.39
CA LEU A 496 12.18 -7.38 7.17
C LEU A 496 11.62 -8.79 7.11
N ARG A 497 12.46 -9.81 7.06
CA ARG A 497 11.98 -11.20 7.03
C ARG A 497 11.10 -11.56 8.26
N LYS A 498 11.37 -10.93 9.41
CA LYS A 498 10.65 -11.14 10.65
C LYS A 498 9.24 -10.51 10.63
N LEU A 499 8.88 -9.77 9.55
CA LEU A 499 7.52 -9.20 9.39
C LEU A 499 6.52 -10.34 9.41
N THR A 500 5.45 -10.15 10.13
CA THR A 500 4.36 -11.10 10.20
C THR A 500 3.52 -10.85 8.94
N ASP A 501 2.70 -11.81 8.50
CA ASP A 501 1.85 -11.59 7.33
C ASP A 501 0.94 -10.38 7.54
N ASP A 502 0.47 -10.17 8.78
CA ASP A 502 -0.32 -9.02 9.16
C ASP A 502 0.50 -7.73 9.03
N GLU A 503 1.76 -7.69 9.50
CA GLU A 503 2.59 -6.48 9.36
C GLU A 503 2.91 -6.21 7.91
N LEU A 504 3.27 -7.27 7.19
CA LEU A 504 3.53 -7.23 5.75
C LEU A 504 2.36 -6.66 4.96
N PHE A 505 1.14 -7.15 5.25
CA PHE A 505 -0.08 -6.72 4.59
C PHE A 505 -0.32 -5.20 4.78
N GLN A 506 -0.08 -4.73 6.02
CA GLN A 506 -0.19 -3.33 6.42
C GLN A 506 0.74 -2.41 5.56
N TYR A 507 2.00 -2.82 5.32
CA TYR A 507 2.99 -2.04 4.57
C TYR A 507 3.15 -2.45 3.10
N LEU A 508 2.32 -3.39 2.58
CA LEU A 508 2.44 -3.92 1.20
C LEU A 508 2.40 -2.84 0.14
N LEU A 509 1.45 -1.89 0.27
CA LEU A 509 1.34 -0.77 -0.62
C LEU A 509 2.70 -0.03 -0.77
N GLN A 510 3.44 0.18 0.34
CA GLN A 510 4.74 0.85 0.33
C GLN A 510 5.82 -0.02 -0.33
N LEU A 511 5.86 -1.33 -0.01
CA LEU A 511 6.85 -2.22 -0.60
C LEU A 511 6.65 -2.35 -2.11
N VAL A 512 5.40 -2.23 -2.61
CA VAL A 512 5.13 -2.27 -4.05
C VAL A 512 5.72 -0.99 -4.70
N GLN A 513 5.56 0.19 -4.05
CA GLN A 513 6.08 1.47 -4.60
C GLN A 513 7.61 1.48 -4.67
N VAL A 514 8.29 0.88 -3.67
CA VAL A 514 9.75 0.70 -3.55
C VAL A 514 10.32 -0.03 -4.81
N LEU A 515 9.47 -0.83 -5.51
CA LEU A 515 9.85 -1.57 -6.71
C LEU A 515 10.21 -0.60 -7.83
N LYS A 516 9.60 0.61 -7.84
CA LYS A 516 9.85 1.69 -8.81
C LYS A 516 11.23 2.35 -8.63
N TYR A 517 11.89 2.13 -7.50
CA TYR A 517 13.21 2.66 -7.18
C TYR A 517 14.33 1.67 -7.55
N GLU A 518 13.98 0.40 -7.77
CA GLU A 518 14.92 -0.65 -8.11
C GLU A 518 15.60 -0.36 -9.44
N SER A 519 16.87 -0.74 -9.55
CA SER A 519 17.66 -0.50 -10.74
C SER A 519 17.64 -1.72 -11.67
N TYR A 520 17.43 -2.93 -11.10
CA TYR A 520 17.42 -4.18 -11.85
C TYR A 520 16.17 -4.96 -11.59
N LEU A 521 15.78 -5.79 -12.56
CA LEU A 521 14.58 -6.63 -12.50
C LEU A 521 14.63 -7.69 -11.41
N ASP A 522 15.71 -8.52 -11.37
CA ASP A 522 15.89 -9.59 -10.38
C ASP A 522 16.54 -8.97 -9.14
N CYS A 523 15.75 -8.73 -8.11
CA CYS A 523 16.23 -8.10 -6.89
C CYS A 523 15.64 -8.82 -5.67
N GLU A 524 16.25 -8.61 -4.46
CA GLU A 524 15.87 -9.24 -3.20
C GLU A 524 14.44 -8.94 -2.78
N LEU A 525 13.97 -7.71 -3.02
CA LEU A 525 12.63 -7.25 -2.73
C LEU A 525 11.57 -7.96 -3.61
N THR A 526 11.86 -8.21 -4.90
CA THR A 526 10.91 -8.90 -5.78
C THR A 526 10.77 -10.35 -5.32
N LYS A 527 11.92 -11.01 -5.07
CA LYS A 527 11.98 -12.39 -4.58
C LYS A 527 11.24 -12.49 -3.23
N PHE A 528 11.42 -11.48 -2.35
CA PHE A 528 10.79 -11.40 -1.04
C PHE A 528 9.27 -11.30 -1.18
N LEU A 529 8.79 -10.30 -1.94
CA LEU A 529 7.37 -10.07 -2.22
C LEU A 529 6.72 -11.27 -2.88
N LEU A 530 7.40 -11.92 -3.85
CA LEU A 530 6.88 -13.12 -4.52
C LEU A 530 6.74 -14.33 -3.57
N GLY A 531 7.76 -14.57 -2.74
CA GLY A 531 7.81 -15.67 -1.79
C GLY A 531 6.76 -15.52 -0.71
N ARG A 532 6.51 -14.27 -0.28
CA ARG A 532 5.52 -14.00 0.74
C ARG A 532 4.09 -14.10 0.19
N ALA A 533 3.90 -13.74 -1.10
CA ALA A 533 2.61 -13.84 -1.81
C ALA A 533 2.22 -15.29 -2.18
N LEU A 534 3.19 -16.14 -2.41
CA LEU A 534 2.87 -17.53 -2.76
C LEU A 534 2.65 -18.38 -1.51
N ALA A 535 3.01 -17.83 -0.33
CA ALA A 535 2.88 -18.46 0.98
C ALA A 535 1.57 -17.99 1.67
N ASN A 536 0.96 -16.90 1.18
CA ASN A 536 -0.30 -16.34 1.70
C ASN A 536 -1.16 -15.80 0.53
N ARG A 537 -2.36 -16.44 0.31
CA ARG A 537 -3.30 -16.08 -0.77
C ARG A 537 -3.82 -14.63 -0.71
N LYS A 538 -3.95 -14.08 0.51
CA LYS A 538 -4.38 -12.71 0.70
C LYS A 538 -3.24 -11.76 0.27
N ILE A 539 -1.97 -12.03 0.66
CA ILE A 539 -0.82 -11.22 0.22
C ILE A 539 -0.75 -11.31 -1.34
N GLY A 540 -0.90 -12.55 -1.86
CA GLY A 540 -0.94 -12.85 -3.29
C GLY A 540 -1.95 -12.02 -4.07
N HIS A 541 -3.20 -12.01 -3.58
CA HIS A 541 -4.33 -11.23 -4.10
C HIS A 541 -4.00 -9.72 -4.31
N PHE A 542 -3.53 -9.05 -3.24
CA PHE A 542 -3.24 -7.61 -3.24
C PHE A 542 -1.94 -7.25 -3.94
N LEU A 543 -0.92 -8.12 -3.88
CA LEU A 543 0.29 -7.89 -4.67
C LEU A 543 -0.16 -7.85 -6.14
N PHE A 544 -0.97 -8.86 -6.61
CA PHE A 544 -1.51 -8.88 -7.97
C PHE A 544 -2.19 -7.57 -8.37
N TRP A 545 -3.17 -7.11 -7.57
CA TRP A 545 -3.96 -5.94 -7.91
C TRP A 545 -3.15 -4.63 -7.89
N HIS A 546 -2.20 -4.49 -6.97
CA HIS A 546 -1.35 -3.31 -6.90
C HIS A 546 -0.48 -3.17 -8.15
N LEU A 547 0.05 -4.31 -8.68
CA LEU A 547 0.83 -4.35 -9.92
C LEU A 547 -0.10 -4.16 -11.15
N ARG A 548 -1.26 -4.88 -11.20
CA ARG A 548 -2.21 -4.81 -12.31
C ARG A 548 -2.74 -3.41 -12.53
N SER A 549 -3.10 -2.71 -11.43
CA SER A 549 -3.65 -1.34 -11.50
C SER A 549 -2.67 -0.35 -12.18
N GLU A 550 -1.36 -0.73 -12.37
CA GLU A 550 -0.36 0.15 -12.95
C GLU A 550 0.22 -0.32 -14.28
N MET A 551 -0.45 -1.26 -14.97
CA MET A 551 0.01 -1.78 -16.27
C MET A 551 -0.12 -0.76 -17.40
N HIS A 552 -0.92 0.32 -17.20
CA HIS A 552 -1.14 1.41 -18.16
C HIS A 552 -0.01 2.46 -18.06
N VAL A 553 0.88 2.32 -17.05
CA VAL A 553 2.03 3.18 -16.82
C VAL A 553 3.22 2.52 -17.56
N PRO A 554 3.71 3.13 -18.67
CA PRO A 554 4.80 2.50 -19.45
C PRO A 554 6.11 2.25 -18.73
N SER A 555 6.43 3.11 -17.75
CA SER A 555 7.65 3.01 -16.96
C SER A 555 7.67 1.77 -16.03
N VAL A 556 6.51 1.27 -15.63
CA VAL A 556 6.48 0.10 -14.72
C VAL A 556 5.87 -1.14 -15.35
N ALA A 557 5.19 -0.99 -16.53
CA ALA A 557 4.50 -2.07 -17.21
C ALA A 557 5.34 -3.35 -17.38
N LEU A 558 6.63 -3.19 -17.71
CA LEU A 558 7.51 -4.34 -17.88
C LEU A 558 7.79 -5.02 -16.58
N ARG A 559 8.35 -4.28 -15.61
CA ARG A 559 8.66 -4.83 -14.30
C ARG A 559 7.43 -5.53 -13.69
N PHE A 560 6.27 -4.84 -13.65
CA PHE A 560 5.01 -5.33 -13.08
C PHE A 560 4.45 -6.54 -13.82
N GLY A 561 4.50 -6.53 -15.15
CA GLY A 561 3.99 -7.63 -15.97
C GLY A 561 4.77 -8.90 -15.77
N LEU A 562 6.09 -8.76 -15.57
CA LEU A 562 7.02 -9.84 -15.30
C LEU A 562 6.79 -10.45 -13.94
N ILE A 563 6.54 -9.63 -12.90
CA ILE A 563 6.24 -10.10 -11.55
C ILE A 563 4.92 -10.90 -11.53
N MET A 564 3.85 -10.35 -12.18
CA MET A 564 2.55 -11.01 -12.25
C MET A 564 2.61 -12.37 -12.99
N GLU A 565 3.43 -12.48 -14.06
CA GLU A 565 3.61 -13.74 -14.79
C GLU A 565 4.27 -14.79 -13.88
N ALA A 566 5.38 -14.41 -13.19
CA ALA A 566 6.10 -15.27 -12.25
C ALA A 566 5.11 -15.74 -11.17
N TYR A 567 4.28 -14.82 -10.64
CA TYR A 567 3.28 -15.14 -9.62
C TYR A 567 2.31 -16.21 -10.12
N CYS A 568 1.79 -15.98 -11.35
CA CYS A 568 0.86 -16.87 -12.04
C CYS A 568 1.44 -18.26 -12.19
N ARG A 569 2.75 -18.39 -12.54
CA ARG A 569 3.48 -19.66 -12.64
C ARG A 569 3.40 -20.45 -11.33
N GLY A 570 3.43 -19.73 -10.20
CA GLY A 570 3.31 -20.24 -8.84
C GLY A 570 1.91 -20.67 -8.43
N SER A 571 0.85 -20.01 -8.94
CA SER A 571 -0.54 -20.39 -8.64
C SER A 571 -1.48 -20.23 -9.84
N THR A 572 -1.66 -21.33 -10.60
CA THR A 572 -2.50 -21.47 -11.77
C THR A 572 -3.97 -21.24 -11.38
N HIS A 573 -4.41 -21.88 -10.28
CA HIS A 573 -5.76 -21.79 -9.76
C HIS A 573 -6.09 -20.32 -9.43
N HIS A 574 -5.21 -19.62 -8.64
CA HIS A 574 -5.40 -18.21 -8.32
C HIS A 574 -5.49 -17.31 -9.58
N MET A 575 -4.70 -17.63 -10.63
CA MET A 575 -4.71 -16.93 -11.91
C MET A 575 -6.13 -16.96 -12.47
N LYS A 576 -6.77 -18.15 -12.46
CA LYS A 576 -8.16 -18.36 -12.93
C LYS A 576 -9.18 -17.59 -12.05
N VAL A 577 -8.95 -17.55 -10.73
CA VAL A 577 -9.77 -16.79 -9.77
C VAL A 577 -9.67 -15.29 -10.07
N LEU A 578 -8.45 -14.78 -10.34
CA LEU A 578 -8.28 -13.36 -10.66
C LEU A 578 -8.82 -13.00 -12.02
N MET A 579 -8.82 -13.97 -12.98
CA MET A 579 -9.42 -13.80 -14.32
C MET A 579 -10.90 -13.61 -14.17
N LYS A 580 -11.54 -14.41 -13.27
CA LYS A 580 -12.96 -14.26 -13.00
C LYS A 580 -13.28 -12.80 -12.49
N GLN A 581 -12.36 -12.19 -11.70
CA GLN A 581 -12.46 -10.82 -11.19
C GLN A 581 -12.29 -9.76 -12.29
N GLY A 582 -11.29 -9.91 -13.16
CA GLY A 582 -11.06 -9.02 -14.28
C GLY A 582 -12.17 -9.04 -15.32
N GLU A 583 -12.83 -10.21 -15.49
CA GLU A 583 -13.99 -10.40 -16.38
C GLU A 583 -15.15 -9.57 -15.85
N ALA A 584 -15.38 -9.59 -14.51
CA ALA A 584 -16.43 -8.77 -13.89
C ALA A 584 -16.10 -7.29 -14.04
N LEU A 585 -14.83 -6.90 -13.88
CA LEU A 585 -14.42 -5.46 -14.03
C LEU A 585 -14.50 -4.98 -15.47
N SER A 586 -14.30 -5.89 -16.44
CA SER A 586 -14.41 -5.58 -17.86
C SER A 586 -15.88 -5.23 -18.18
N LYS A 587 -16.84 -6.03 -17.65
CA LYS A 587 -18.29 -5.79 -17.79
C LYS A 587 -18.75 -4.53 -17.07
N LEU A 588 -18.22 -4.23 -15.87
CA LEU A 588 -18.54 -3.00 -15.13
C LEU A 588 -18.05 -1.74 -15.91
N LYS A 589 -16.92 -1.84 -16.62
CA LYS A 589 -16.41 -0.73 -17.43
C LYS A 589 -17.41 -0.44 -18.59
N ALA A 590 -17.86 -1.49 -19.30
CA ALA A 590 -18.79 -1.37 -20.40
C ALA A 590 -20.14 -0.89 -19.90
N LEU A 591 -20.53 -1.35 -18.69
CA LEU A 591 -21.77 -0.93 -18.06
C LEU A 591 -21.69 0.55 -17.65
N ASN A 592 -20.54 0.99 -17.10
CA ASN A 592 -20.36 2.38 -16.68
C ASN A 592 -20.35 3.30 -17.89
N ASP A 593 -19.78 2.85 -19.05
CA ASP A 593 -19.78 3.62 -20.30
C ASP A 593 -21.20 3.80 -20.81
N PHE A 594 -21.99 2.70 -20.79
CA PHE A 594 -23.39 2.70 -21.19
C PHE A 594 -24.17 3.73 -20.39
N VAL A 595 -23.99 3.73 -19.04
CA VAL A 595 -24.63 4.65 -18.09
C VAL A 595 -24.22 6.12 -18.37
N LYS A 596 -22.92 6.38 -18.60
CA LYS A 596 -22.38 7.70 -18.90
C LYS A 596 -23.05 8.32 -20.17
N VAL A 597 -23.29 7.50 -21.19
CA VAL A 597 -23.93 7.90 -22.45
C VAL A 597 -25.44 8.12 -22.21
N SER A 598 -26.15 7.06 -21.76
CA SER A 598 -27.58 7.02 -21.50
C SER A 598 -28.11 8.15 -20.61
N SER A 599 -27.38 8.50 -19.54
CA SER A 599 -27.74 9.51 -18.55
C SER A 599 -27.83 10.93 -19.09
N GLN A 600 -27.00 11.28 -20.09
CA GLN A 600 -27.01 12.61 -20.68
C GLN A 600 -28.12 12.79 -21.73
N LYS A 601 -28.79 11.68 -22.09
CA LYS A 601 -29.87 11.65 -23.07
C LYS A 601 -31.24 11.58 -22.39
N THR A 602 -31.41 10.63 -21.45
CA THR A 602 -32.68 10.44 -20.75
C THR A 602 -32.56 10.69 -19.24
N THR A 603 -33.70 10.68 -18.52
CA THR A 603 -33.75 10.93 -17.06
C THR A 603 -33.10 9.80 -16.25
N LYS A 604 -32.80 10.08 -14.95
CA LYS A 604 -32.18 9.12 -14.05
C LYS A 604 -33.00 7.82 -13.86
N PRO A 605 -34.35 7.82 -13.70
CA PRO A 605 -35.05 6.53 -13.52
C PRO A 605 -35.07 5.72 -14.81
N GLN A 606 -34.85 6.39 -15.95
CA GLN A 606 -34.84 5.76 -17.26
C GLN A 606 -33.52 5.06 -17.50
N THR A 607 -32.40 5.77 -17.28
CA THR A 607 -31.03 5.26 -17.38
C THR A 607 -30.84 4.08 -16.40
N LYS A 608 -31.38 4.20 -15.18
CA LYS A 608 -31.30 3.16 -14.15
C LYS A 608 -31.99 1.88 -14.66
N GLU A 609 -33.17 2.02 -15.30
CA GLU A 609 -33.89 0.88 -15.87
C GLU A 609 -33.17 0.28 -17.06
N MET A 610 -32.39 1.10 -17.79
CA MET A 610 -31.59 0.69 -18.94
C MET A 610 -30.39 -0.13 -18.44
N MET A 611 -29.69 0.38 -17.39
CA MET A 611 -28.56 -0.26 -16.70
C MET A 611 -28.98 -1.68 -16.25
N HIS A 612 -30.18 -1.79 -15.63
CA HIS A 612 -30.76 -3.04 -15.13
C HIS A 612 -30.98 -4.06 -16.24
N MET A 613 -31.57 -3.63 -17.37
CA MET A 613 -31.83 -4.44 -18.57
C MET A 613 -30.51 -5.00 -19.10
N CYS A 614 -29.49 -4.12 -19.24
CA CYS A 614 -28.17 -4.46 -19.70
C CYS A 614 -27.49 -5.49 -18.75
N MET A 615 -27.74 -5.39 -17.42
CA MET A 615 -27.21 -6.32 -16.40
C MET A 615 -27.95 -7.65 -16.46
N ARG A 616 -29.20 -7.64 -16.97
CA ARG A 616 -30.05 -8.83 -17.03
C ARG A 616 -29.68 -9.76 -18.18
N GLN A 617 -28.80 -9.30 -19.06
CA GLN A 617 -28.28 -10.08 -20.16
C GLN A 617 -27.45 -11.23 -19.59
N GLU A 618 -27.47 -12.37 -20.31
CA GLU A 618 -26.75 -13.61 -20.01
C GLU A 618 -25.26 -13.39 -19.65
N THR A 619 -24.53 -12.64 -20.49
CA THR A 619 -23.09 -12.36 -20.35
C THR A 619 -22.78 -11.50 -19.13
N TYR A 620 -23.67 -10.58 -18.79
CA TYR A 620 -23.52 -9.76 -17.59
C TYR A 620 -23.84 -10.58 -16.36
N MET A 621 -24.90 -11.43 -16.38
CA MET A 621 -25.26 -12.25 -15.21
C MET A 621 -24.16 -13.24 -14.83
N GLU A 622 -23.56 -13.91 -15.83
CA GLU A 622 -22.43 -14.83 -15.67
C GLU A 622 -21.16 -14.12 -15.15
N ALA A 623 -20.70 -13.04 -15.83
CA ALA A 623 -19.48 -12.36 -15.44
C ALA A 623 -19.55 -11.63 -14.11
N LEU A 624 -20.69 -11.00 -13.79
CA LEU A 624 -20.82 -10.23 -12.54
C LEU A 624 -21.16 -11.08 -11.28
N SER A 625 -21.48 -12.36 -11.42
CA SER A 625 -21.83 -13.25 -10.31
C SER A 625 -20.72 -14.23 -9.92
N HIS A 626 -20.76 -14.74 -8.68
CA HIS A 626 -19.89 -15.78 -8.09
C HIS A 626 -18.39 -15.48 -8.22
N LEU A 627 -17.98 -14.41 -7.60
CA LEU A 627 -16.55 -14.07 -7.64
C LEU A 627 -16.05 -13.64 -6.27
N GLN A 628 -14.73 -13.73 -6.05
CA GLN A 628 -14.15 -13.22 -4.81
C GLN A 628 -14.08 -11.72 -5.02
N SER A 629 -14.27 -10.95 -3.94
CA SER A 629 -14.22 -9.53 -4.11
C SER A 629 -12.79 -9.05 -4.32
N PRO A 630 -12.49 -8.21 -5.35
CA PRO A 630 -11.12 -7.66 -5.45
C PRO A 630 -10.75 -6.78 -4.21
N LEU A 631 -11.77 -6.21 -3.54
CA LEU A 631 -11.58 -5.43 -2.30
C LEU A 631 -11.19 -6.28 -1.10
N ASP A 632 -11.63 -7.55 -1.09
CA ASP A 632 -11.41 -8.49 0.01
C ASP A 632 -11.64 -9.94 -0.46
N PRO A 633 -10.57 -10.74 -0.66
CA PRO A 633 -10.76 -12.12 -1.12
C PRO A 633 -11.59 -13.03 -0.19
N SER A 634 -11.84 -12.59 1.05
CA SER A 634 -12.68 -13.33 2.02
C SER A 634 -14.17 -13.15 1.70
N THR A 635 -14.51 -12.01 1.11
CA THR A 635 -15.85 -11.65 0.73
C THR A 635 -16.19 -12.26 -0.61
N LEU A 636 -17.21 -13.13 -0.58
CA LEU A 636 -17.74 -13.81 -1.73
C LEU A 636 -18.89 -12.94 -2.29
N LEU A 637 -18.77 -12.52 -3.58
CA LEU A 637 -19.76 -11.71 -4.29
C LEU A 637 -20.58 -12.73 -5.08
N GLU A 638 -21.70 -13.20 -4.52
CA GLU A 638 -22.47 -14.29 -5.10
C GLU A 638 -23.53 -13.88 -6.14
N GLU A 639 -24.78 -13.65 -5.70
CA GLU A 639 -25.86 -13.27 -6.63
C GLU A 639 -25.96 -11.77 -6.72
N VAL A 640 -25.90 -11.25 -7.95
CA VAL A 640 -26.05 -9.82 -8.19
C VAL A 640 -27.53 -9.47 -8.04
N CYS A 641 -27.82 -8.42 -7.23
CA CYS A 641 -29.17 -7.94 -6.96
C CYS A 641 -29.39 -6.74 -7.85
N VAL A 642 -29.72 -7.02 -9.12
CA VAL A 642 -29.98 -6.07 -10.20
C VAL A 642 -30.89 -4.93 -9.74
N GLU A 643 -32.07 -5.26 -9.16
CA GLU A 643 -33.05 -4.29 -8.66
C GLU A 643 -32.52 -3.30 -7.62
N GLN A 644 -31.49 -3.74 -6.86
CA GLN A 644 -30.84 -2.94 -5.84
C GLN A 644 -29.70 -2.10 -6.44
N CYS A 645 -29.24 -2.40 -7.68
CA CYS A 645 -28.13 -1.64 -8.31
C CYS A 645 -28.56 -0.26 -8.83
N THR A 646 -27.63 0.69 -8.83
CA THR A 646 -27.87 2.07 -9.26
C THR A 646 -26.54 2.73 -9.56
N PHE A 647 -26.53 4.05 -9.69
CA PHE A 647 -25.35 4.84 -9.95
C PHE A 647 -25.57 6.23 -9.40
N MET A 648 -24.47 7.00 -9.18
CA MET A 648 -24.55 8.39 -8.67
C MET A 648 -24.72 9.40 -9.80
N ASP A 649 -25.28 10.56 -9.45
CA ASP A 649 -25.59 11.66 -10.37
C ASP A 649 -24.40 12.52 -10.74
N SER A 650 -23.24 12.29 -10.12
CA SER A 650 -21.98 12.99 -10.36
C SER A 650 -21.41 12.71 -11.77
N LYS A 651 -20.44 13.52 -12.20
CA LYS A 651 -19.77 13.50 -13.51
C LYS A 651 -19.47 12.09 -14.07
N MET A 652 -18.77 11.28 -13.28
CA MET A 652 -18.30 9.95 -13.69
C MET A 652 -19.33 8.85 -13.51
N LYS A 653 -20.53 9.18 -12.97
CA LYS A 653 -21.66 8.26 -12.74
C LYS A 653 -21.21 6.92 -12.07
N PRO A 654 -20.55 6.97 -10.86
CA PRO A 654 -20.07 5.72 -10.25
C PRO A 654 -21.19 4.71 -10.00
N LEU A 655 -20.93 3.41 -10.30
CA LEU A 655 -21.95 2.37 -10.14
C LEU A 655 -21.97 1.76 -8.76
N TRP A 656 -23.17 1.45 -8.26
CA TRP A 656 -23.36 0.82 -6.96
C TRP A 656 -23.96 -0.54 -7.23
N ILE A 657 -23.13 -1.58 -7.08
CA ILE A 657 -23.52 -2.96 -7.40
C ILE A 657 -23.77 -3.73 -6.10
N MET A 658 -24.97 -4.28 -5.98
CA MET A 658 -25.40 -4.99 -4.79
C MET A 658 -25.45 -6.49 -5.00
N TYR A 659 -25.07 -7.22 -3.96
CA TYR A 659 -24.98 -8.66 -3.97
C TYR A 659 -25.63 -9.21 -2.76
N SER A 660 -25.99 -10.49 -2.82
CA SER A 660 -26.53 -11.29 -1.73
C SER A 660 -26.08 -12.73 -1.95
N SER A 661 -26.15 -13.52 -0.89
CA SER A 661 -25.76 -14.92 -0.81
C SER A 661 -26.66 -15.61 0.21
N GLU A 662 -27.39 -16.67 -0.21
CA GLU A 662 -28.29 -17.43 0.67
C GLU A 662 -27.44 -18.09 1.80
N GLU A 663 -26.31 -18.73 1.41
CA GLU A 663 -25.37 -19.40 2.30
C GLU A 663 -24.78 -18.51 3.40
N ALA A 664 -24.53 -17.24 3.11
CA ALA A 664 -23.95 -16.31 4.08
C ALA A 664 -24.97 -15.55 4.93
N GLY A 665 -26.24 -15.56 4.52
CA GLY A 665 -27.31 -14.82 5.19
C GLY A 665 -27.07 -13.32 5.08
N SER A 666 -27.36 -12.55 6.15
CA SER A 666 -27.17 -11.09 6.24
C SER A 666 -25.79 -10.61 5.90
N ALA A 667 -24.77 -11.42 6.25
CA ALA A 667 -23.35 -11.17 5.98
C ALA A 667 -23.04 -11.25 4.50
N GLY A 668 -23.90 -11.95 3.75
CA GLY A 668 -23.76 -12.09 2.30
C GLY A 668 -24.26 -10.87 1.54
N ASN A 669 -24.92 -9.93 2.25
CA ASN A 669 -25.49 -8.72 1.66
C ASN A 669 -24.44 -7.67 1.65
N VAL A 670 -23.84 -7.52 0.51
CA VAL A 670 -22.70 -6.64 0.35
C VAL A 670 -22.86 -5.78 -0.92
N GLY A 671 -22.10 -4.69 -1.00
CA GLY A 671 -22.08 -3.79 -2.13
C GLY A 671 -20.68 -3.35 -2.51
N ILE A 672 -20.49 -3.00 -3.78
CA ILE A 672 -19.24 -2.48 -4.32
C ILE A 672 -19.60 -1.28 -5.16
N ILE A 673 -18.69 -0.32 -5.22
CA ILE A 673 -18.87 0.87 -6.02
C ILE A 673 -17.80 0.80 -7.09
N PHE A 674 -18.22 0.84 -8.35
CA PHE A 674 -17.30 0.83 -9.48
C PHE A 674 -17.13 2.28 -9.96
N LYS A 675 -15.88 2.74 -9.96
CA LYS A 675 -15.52 4.08 -10.37
C LYS A 675 -14.56 4.05 -11.56
N ASN A 676 -14.95 4.74 -12.62
CA ASN A 676 -14.16 4.86 -13.83
C ASN A 676 -14.16 6.33 -14.27
N GLY A 677 -12.97 6.91 -14.29
CA GLY A 677 -12.75 8.32 -14.62
C GLY A 677 -12.03 9.02 -13.49
N ASP A 678 -12.26 8.56 -12.25
CA ASP A 678 -11.62 9.08 -11.05
C ASP A 678 -10.36 8.27 -10.77
N ASP A 679 -9.43 8.82 -10.02
CA ASP A 679 -8.20 8.18 -9.63
C ASP A 679 -8.37 7.93 -8.12
N LEU A 680 -8.39 6.64 -7.67
CA LEU A 680 -8.62 6.26 -6.26
C LEU A 680 -7.38 5.96 -5.43
N ARG A 681 -6.14 6.21 -5.92
CA ARG A 681 -4.87 5.91 -5.20
C ARG A 681 -4.70 6.66 -3.89
N GLN A 682 -5.00 7.97 -3.87
CA GLN A 682 -4.90 8.81 -2.67
C GLN A 682 -5.92 8.35 -1.61
N ASP A 683 -7.14 8.02 -2.04
CA ASP A 683 -8.18 7.47 -1.17
C ASP A 683 -7.65 6.26 -0.51
N MET A 684 -7.14 5.30 -1.29
CA MET A 684 -6.61 4.05 -0.77
C MET A 684 -5.49 4.28 0.22
N LEU A 685 -4.57 5.26 -0.06
CA LEU A 685 -3.49 5.56 0.87
C LEU A 685 -4.03 6.17 2.18
N THR A 686 -4.95 7.14 2.07
CA THR A 686 -5.55 7.78 3.25
C THR A 686 -6.26 6.76 4.10
N LEU A 687 -7.10 5.90 3.44
CA LEU A 687 -7.87 4.86 4.12
C LEU A 687 -6.98 3.82 4.81
N GLN A 688 -5.81 3.49 4.21
CA GLN A 688 -4.84 2.55 4.82
C GLN A 688 -4.16 3.16 6.03
N MET A 689 -3.90 4.49 5.98
CA MET A 689 -3.34 5.27 7.08
C MET A 689 -4.32 5.35 8.27
N ILE A 690 -5.62 5.47 7.98
CA ILE A 690 -6.70 5.51 8.99
C ILE A 690 -6.77 4.15 9.65
N GLN A 691 -6.70 3.06 8.86
CA GLN A 691 -6.66 1.67 9.34
C GLN A 691 -5.42 1.48 10.23
N LEU A 692 -4.26 2.07 9.81
CA LEU A 692 -3.05 1.97 10.62
C LEU A 692 -3.27 2.64 11.99
N MET A 693 -3.92 3.80 12.02
CA MET A 693 -4.26 4.53 13.26
C MET A 693 -5.12 3.66 14.15
N ASP A 694 -6.17 3.05 13.54
CA ASP A 694 -7.11 2.17 14.22
C ASP A 694 -6.42 0.98 14.92
N VAL A 695 -5.50 0.29 14.22
CA VAL A 695 -4.67 -0.81 14.75
C VAL A 695 -3.79 -0.30 15.90
N LEU A 696 -3.12 0.89 15.73
CA LEU A 696 -2.24 1.48 16.77
C LEU A 696 -2.98 1.85 18.03
N TRP A 697 -4.18 2.41 17.90
CA TRP A 697 -5.03 2.75 19.04
C TRP A 697 -5.54 1.44 19.70
N LYS A 698 -5.98 0.48 18.89
CA LYS A 698 -6.47 -0.81 19.42
C LYS A 698 -5.41 -1.60 20.24
N GLN A 699 -4.13 -1.50 19.85
CA GLN A 699 -2.98 -2.11 20.54
C GLN A 699 -2.74 -1.45 21.90
N GLU A 700 -3.20 -0.19 22.07
CA GLU A 700 -3.08 0.59 23.31
C GLU A 700 -4.40 0.59 24.03
N GLY A 701 -5.23 -0.40 23.70
CA GLY A 701 -6.56 -0.61 24.28
C GLY A 701 -7.62 0.41 23.93
N LEU A 702 -7.41 1.25 22.91
CA LEU A 702 -8.35 2.28 22.51
C LEU A 702 -9.11 1.93 21.21
N ASP A 703 -10.42 1.62 21.29
CA ASP A 703 -11.20 1.33 20.08
C ASP A 703 -12.08 2.56 19.75
N LEU A 704 -11.73 3.34 18.70
CA LEU A 704 -12.52 4.53 18.38
C LEU A 704 -13.61 4.28 17.35
N ARG A 705 -13.98 3.01 17.17
CA ARG A 705 -15.09 2.60 16.29
C ARG A 705 -14.96 3.21 14.88
N MET A 706 -13.79 3.06 14.29
CA MET A 706 -13.48 3.56 12.97
C MET A 706 -14.10 2.68 11.87
N THR A 707 -14.23 3.22 10.62
CA THR A 707 -14.78 2.50 9.47
C THR A 707 -13.78 2.59 8.33
N PRO A 708 -12.65 1.85 8.38
CA PRO A 708 -11.70 1.91 7.27
C PRO A 708 -12.16 0.92 6.18
N TYR A 709 -13.19 1.34 5.44
CA TYR A 709 -13.80 0.58 4.35
C TYR A 709 -12.75 0.39 3.21
N GLY A 710 -12.88 -0.70 2.47
CA GLY A 710 -11.99 -1.05 1.37
C GLY A 710 -12.04 -0.09 0.18
N CYS A 711 -10.87 0.18 -0.39
CA CYS A 711 -10.75 1.01 -1.56
C CYS A 711 -9.60 0.47 -2.37
N LEU A 712 -9.84 0.13 -3.62
CA LEU A 712 -8.81 -0.48 -4.43
C LEU A 712 -8.83 -0.06 -5.88
N PRO A 713 -7.82 0.72 -6.33
CA PRO A 713 -7.64 0.93 -7.78
C PRO A 713 -7.29 -0.43 -8.41
N THR A 714 -7.89 -0.73 -9.58
CA THR A 714 -7.72 -2.00 -10.27
C THR A 714 -7.17 -1.80 -11.70
N GLY A 715 -7.27 -0.58 -12.22
CA GLY A 715 -6.86 -0.27 -13.59
C GLY A 715 -6.65 1.22 -13.78
N ASP A 716 -6.58 1.67 -15.06
CA ASP A 716 -6.34 3.08 -15.41
C ASP A 716 -7.55 3.90 -15.04
N ARG A 717 -7.43 4.75 -13.99
CA ARG A 717 -8.53 5.59 -13.47
C ARG A 717 -9.76 4.72 -13.20
N THR A 718 -9.50 3.50 -12.74
CA THR A 718 -10.51 2.48 -12.45
C THR A 718 -10.22 1.82 -11.10
N GLY A 719 -11.28 1.60 -10.34
CA GLY A 719 -11.16 0.94 -9.05
C GLY A 719 -12.46 0.71 -8.34
N LEU A 720 -12.39 0.06 -7.17
CA LEU A 720 -13.57 -0.27 -6.35
C LEU A 720 -13.53 0.32 -4.96
N ILE A 721 -14.71 0.56 -4.42
CA ILE A 721 -14.91 1.04 -3.05
C ILE A 721 -15.90 0.09 -2.40
N GLU A 722 -15.65 -0.26 -1.16
CA GLU A 722 -16.57 -1.11 -0.40
C GLU A 722 -17.75 -0.27 0.08
N VAL A 723 -18.97 -0.76 -0.16
CA VAL A 723 -20.17 -0.09 0.32
C VAL A 723 -20.33 -0.41 1.81
N VAL A 724 -20.60 0.64 2.62
CA VAL A 724 -20.94 0.40 4.02
C VAL A 724 -22.49 0.54 4.05
N LEU A 725 -23.18 -0.57 4.27
CA LEU A 725 -24.66 -0.55 4.26
C LEU A 725 -25.15 0.05 5.55
N HIS A 726 -26.39 0.54 5.56
CA HIS A 726 -27.03 1.15 6.72
C HIS A 726 -26.26 2.41 7.16
N SER A 727 -25.88 3.21 6.17
CA SER A 727 -25.17 4.46 6.37
C SER A 727 -25.74 5.51 5.44
N ASP A 728 -25.67 6.75 5.86
CA ASP A 728 -26.15 7.84 5.03
C ASP A 728 -25.23 9.01 5.24
N THR A 729 -25.24 10.00 4.34
CA THR A 729 -24.39 11.19 4.47
C THR A 729 -25.09 12.16 5.43
N ILE A 730 -24.30 13.10 6.00
CA ILE A 730 -24.80 14.16 6.86
C ILE A 730 -25.78 15.03 6.08
N ALA A 731 -25.44 15.36 4.80
CA ALA A 731 -26.30 16.16 3.91
C ALA A 731 -27.68 15.55 3.76
N ASN A 732 -27.78 14.25 3.41
CA ASN A 732 -29.09 13.59 3.26
C ASN A 732 -29.91 13.61 4.53
N ILE A 733 -29.30 13.31 5.68
CA ILE A 733 -29.99 13.36 6.97
C ILE A 733 -30.46 14.77 7.27
N GLN A 734 -29.57 15.75 7.09
CA GLN A 734 -29.88 17.17 7.34
C GLN A 734 -30.79 17.81 6.33
N LEU A 735 -31.20 17.12 5.22
CA LEU A 735 -32.17 17.70 4.27
C LEU A 735 -33.50 17.93 4.99
N ASN A 736 -33.67 17.24 6.16
CA ASN A 736 -34.79 17.33 7.10
C ASN A 736 -36.13 17.15 6.40
N LYS A 737 -36.24 16.06 5.63
CA LYS A 737 -37.46 15.76 4.87
C LYS A 737 -38.71 15.64 5.76
N SER A 738 -39.87 15.99 5.19
CA SER A 738 -41.13 15.87 5.91
C SER A 738 -41.58 14.41 5.78
N ASN A 739 -42.42 13.93 6.73
CA ASN A 739 -42.98 12.57 6.77
C ASN A 739 -41.85 11.50 6.86
N MET A 740 -40.97 11.72 7.84
CA MET A 740 -39.84 10.85 8.15
C MET A 740 -39.83 10.68 9.67
N ALA A 741 -39.28 9.56 10.17
CA ALA A 741 -39.20 9.30 11.62
C ALA A 741 -38.24 10.28 12.36
N ALA A 742 -37.48 11.11 11.60
CA ALA A 742 -36.47 12.05 12.10
C ALA A 742 -36.84 13.60 12.03
N THR A 743 -37.86 14.01 11.25
CA THR A 743 -38.23 15.44 11.06
C THR A 743 -38.12 16.31 12.36
N ALA A 744 -37.25 17.33 12.29
CA ALA A 744 -36.88 18.19 13.41
C ALA A 744 -37.50 19.59 13.43
N ALA A 745 -37.61 20.18 14.64
CA ALA A 745 -38.13 21.54 14.87
C ALA A 745 -36.98 22.51 14.60
N PHE A 746 -35.74 22.04 14.85
CA PHE A 746 -34.50 22.76 14.65
C PHE A 746 -33.61 21.84 13.88
N ASN A 747 -33.02 22.34 12.77
CA ASN A 747 -32.11 21.52 11.95
C ASN A 747 -31.00 20.89 12.78
N LYS A 748 -30.62 21.51 13.92
CA LYS A 748 -29.58 20.95 14.82
C LYS A 748 -30.01 19.62 15.41
N ASP A 749 -31.32 19.36 15.54
CA ASP A 749 -31.87 18.13 16.11
C ASP A 749 -31.88 16.96 15.12
N ALA A 750 -31.84 17.24 13.80
CA ALA A 750 -32.01 16.25 12.73
C ALA A 750 -31.17 14.98 12.86
N LEU A 751 -29.87 15.14 13.03
CA LEU A 751 -28.93 14.05 13.13
C LEU A 751 -29.14 13.23 14.45
N LEU A 752 -29.55 13.90 15.52
CA LEU A 752 -29.86 13.24 16.79
C LEU A 752 -31.20 12.50 16.71
N ASN A 753 -32.17 13.06 15.96
CA ASN A 753 -33.48 12.43 15.76
C ASN A 753 -33.37 11.20 14.88
N TRP A 754 -32.44 11.24 13.89
CA TRP A 754 -32.17 10.14 12.97
C TRP A 754 -31.56 8.97 13.75
N LEU A 755 -30.65 9.25 14.70
CA LEU A 755 -30.02 8.24 15.57
C LEU A 755 -31.07 7.63 16.49
N LYS A 756 -31.99 8.48 17.00
CA LYS A 756 -33.10 8.11 17.85
C LYS A 756 -34.01 7.11 17.15
N SER A 757 -34.35 7.36 15.88
CA SER A 757 -35.18 6.46 15.09
C SER A 757 -34.47 5.15 14.71
N LYS A 758 -33.13 5.11 14.70
CA LYS A 758 -32.40 3.89 14.34
C LYS A 758 -32.05 3.10 15.57
N ASN A 759 -32.04 3.77 16.73
CA ASN A 759 -31.64 3.16 17.98
C ASN A 759 -32.71 3.45 19.02
N PRO A 760 -33.84 2.69 19.00
CA PRO A 760 -34.92 2.97 19.96
C PRO A 760 -34.65 2.53 21.41
N GLY A 761 -35.21 3.32 22.34
CA GLY A 761 -35.16 3.09 23.77
C GLY A 761 -33.77 3.22 24.34
N GLU A 762 -33.34 2.19 25.09
CA GLU A 762 -32.03 2.10 25.73
C GLU A 762 -30.88 2.07 24.72
N ALA A 763 -31.19 1.76 23.44
CA ALA A 763 -30.16 1.68 22.37
C ALA A 763 -29.54 3.04 22.01
N LEU A 764 -30.27 4.18 22.24
CA LEU A 764 -29.75 5.52 21.93
C LEU A 764 -28.37 5.83 22.54
N ASP A 765 -28.18 5.51 23.82
CA ASP A 765 -26.95 5.77 24.57
C ASP A 765 -25.71 5.14 23.99
N ARG A 766 -25.83 3.93 23.45
CA ARG A 766 -24.71 3.28 22.83
C ARG A 766 -24.42 3.92 21.45
N ALA A 767 -25.48 4.36 20.73
CA ALA A 767 -25.32 5.03 19.42
C ALA A 767 -24.57 6.35 19.61
N ILE A 768 -24.94 7.13 20.64
CA ILE A 768 -24.26 8.40 20.98
C ILE A 768 -22.80 8.15 21.30
N GLU A 769 -22.50 7.07 22.08
CA GLU A 769 -21.14 6.69 22.44
C GLU A 769 -20.31 6.30 21.22
N GLU A 770 -20.89 5.53 20.26
CA GLU A 770 -20.26 5.12 18.99
C GLU A 770 -19.91 6.35 18.15
N PHE A 771 -20.79 7.36 18.20
CA PHE A 771 -20.64 8.61 17.47
C PHE A 771 -19.47 9.40 17.99
N THR A 772 -19.36 9.52 19.34
CA THR A 772 -18.37 10.27 20.10
C THR A 772 -16.97 9.71 19.83
N LEU A 773 -16.82 8.39 19.96
CA LEU A 773 -15.57 7.66 19.76
C LEU A 773 -15.09 7.85 18.35
N SER A 774 -15.95 7.50 17.34
CA SER A 774 -15.64 7.65 15.90
C SER A 774 -15.39 9.09 15.49
N CYS A 775 -16.09 10.03 16.13
CA CYS A 775 -15.87 11.45 15.91
C CYS A 775 -14.49 11.89 16.40
N ALA A 776 -14.09 11.48 17.60
CA ALA A 776 -12.78 11.76 18.16
C ALA A 776 -11.69 11.18 17.24
N GLY A 777 -11.89 9.95 16.76
CA GLY A 777 -10.96 9.30 15.85
C GLY A 777 -10.82 10.03 14.53
N TYR A 778 -11.96 10.46 13.91
CA TYR A 778 -11.85 11.17 12.63
C TYR A 778 -11.36 12.60 12.81
N CYS A 779 -11.65 13.25 13.94
CA CYS A 779 -11.13 14.59 14.20
C CYS A 779 -9.60 14.58 14.18
N VAL A 780 -8.98 13.60 14.88
CA VAL A 780 -7.55 13.39 14.98
C VAL A 780 -6.98 12.96 13.61
N ALA A 781 -7.54 11.90 12.98
CA ALA A 781 -7.12 11.37 11.66
C ALA A 781 -7.09 12.47 10.56
N THR A 782 -8.16 13.26 10.41
CA THR A 782 -8.22 14.33 9.41
C THR A 782 -7.24 15.46 9.72
N TYR A 783 -6.97 15.69 11.02
CA TYR A 783 -6.03 16.71 11.46
C TYR A 783 -4.58 16.27 11.18
N VAL A 784 -4.21 15.07 11.68
CA VAL A 784 -2.87 14.53 11.49
C VAL A 784 -2.56 14.44 9.97
N LEU A 785 -3.53 13.95 9.18
CA LEU A 785 -3.39 13.79 7.73
C LEU A 785 -3.61 15.04 6.89
N GLY A 786 -4.17 16.11 7.47
CA GLY A 786 -4.46 17.33 6.71
C GLY A 786 -5.59 17.19 5.69
N ILE A 787 -6.63 16.39 6.02
CA ILE A 787 -7.80 16.21 5.15
C ILE A 787 -8.62 17.47 5.22
N GLY A 788 -8.73 18.13 4.07
CA GLY A 788 -9.48 19.34 3.87
C GLY A 788 -10.63 19.09 2.89
N ASP A 789 -11.38 20.15 2.53
CA ASP A 789 -12.56 20.09 1.66
C ASP A 789 -13.64 19.17 2.29
N ARG A 790 -13.85 19.38 3.59
CA ARG A 790 -14.79 18.60 4.37
C ARG A 790 -16.14 19.27 4.39
N HIS A 791 -17.14 18.59 3.84
CA HIS A 791 -18.50 19.08 3.80
C HIS A 791 -19.48 17.97 4.10
N SER A 792 -20.76 18.33 4.29
CA SER A 792 -21.87 17.44 4.67
C SER A 792 -22.07 16.21 3.74
N ASP A 793 -21.63 16.27 2.48
CA ASP A 793 -21.83 15.11 1.61
C ASP A 793 -20.60 14.15 1.58
N ASN A 794 -19.50 14.48 2.28
CA ASN A 794 -18.36 13.58 2.32
C ASN A 794 -18.07 13.09 3.75
N ILE A 795 -19.09 13.24 4.63
CA ILE A 795 -19.09 12.73 6.01
C ILE A 795 -20.37 11.87 6.11
N MET A 796 -20.19 10.60 6.54
CA MET A 796 -21.32 9.70 6.66
C MET A 796 -21.51 9.22 8.06
N ILE A 797 -22.69 8.67 8.32
CA ILE A 797 -23.02 8.08 9.59
C ILE A 797 -23.73 6.77 9.39
N ARG A 798 -23.31 5.80 10.18
CA ARG A 798 -23.85 4.46 10.23
C ARG A 798 -25.02 4.41 11.21
N GLU A 799 -25.98 3.48 10.99
CA GLU A 799 -27.16 3.40 11.87
C GLU A 799 -26.79 3.06 13.31
N SER A 800 -25.58 2.53 13.49
CA SER A 800 -25.02 2.18 14.77
C SER A 800 -24.55 3.43 15.55
N GLY A 801 -24.43 4.57 14.85
CA GLY A 801 -23.98 5.82 15.44
C GLY A 801 -22.61 6.26 14.97
N GLN A 802 -21.83 5.31 14.43
CA GLN A 802 -20.49 5.56 13.89
C GLN A 802 -20.44 6.55 12.75
N LEU A 803 -19.59 7.56 12.90
CA LEU A 803 -19.35 8.62 11.94
C LEU A 803 -18.08 8.23 11.17
N PHE A 804 -18.04 8.53 9.85
CA PHE A 804 -16.81 8.27 9.07
C PHE A 804 -16.74 9.22 7.89
N HIS A 805 -15.51 9.44 7.41
CA HIS A 805 -15.23 10.32 6.28
C HIS A 805 -15.02 9.50 5.00
N ILE A 806 -15.40 10.10 3.89
CA ILE A 806 -15.25 9.52 2.56
C ILE A 806 -14.61 10.55 1.64
N ASP A 807 -14.27 10.13 0.38
CA ASP A 807 -13.72 10.92 -0.72
C ASP A 807 -12.50 11.73 -0.32
N PHE A 808 -11.34 11.10 -0.32
CA PHE A 808 -10.10 11.73 0.15
C PHE A 808 -9.16 12.23 -0.95
N GLY A 809 -9.69 13.01 -1.88
CA GLY A 809 -8.91 13.59 -2.97
C GLY A 809 -7.90 14.65 -2.58
N HIS A 810 -8.05 15.23 -1.35
CA HIS A 810 -7.17 16.28 -0.80
C HIS A 810 -6.66 15.98 0.62
N PHE A 811 -5.33 15.92 0.79
CA PHE A 811 -4.66 15.69 2.07
C PHE A 811 -3.34 16.46 2.16
N LEU A 812 -2.69 16.40 3.34
CA LEU A 812 -1.43 17.08 3.66
C LEU A 812 -1.50 18.60 3.42
N GLY A 813 -2.71 19.15 3.60
CA GLY A 813 -3.05 20.55 3.41
C GLY A 813 -2.80 21.07 2.01
N ASN A 814 -3.02 20.23 0.97
CA ASN A 814 -2.82 20.56 -0.45
C ASN A 814 -4.16 20.59 -1.15
N ARG A 823 -1.31 25.06 -1.23
CA ARG A 823 -0.91 24.44 0.03
C ARG A 823 -1.09 25.36 1.26
N GLU A 824 -2.04 24.98 2.14
CA GLU A 824 -2.41 25.67 3.38
C GLU A 824 -2.42 24.72 4.59
N ARG A 825 -2.11 25.24 5.79
CA ARG A 825 -2.13 24.40 7.00
C ARG A 825 -3.59 24.24 7.48
N VAL A 826 -4.13 23.02 7.31
CA VAL A 826 -5.49 22.63 7.71
C VAL A 826 -5.62 22.69 9.27
N PRO A 827 -6.47 23.60 9.81
CA PRO A 827 -6.64 23.65 11.27
C PRO A 827 -7.50 22.48 11.79
N PHE A 828 -7.47 22.23 13.11
CA PHE A 828 -8.30 21.22 13.75
C PHE A 828 -9.78 21.66 13.56
N ILE A 829 -10.65 20.69 13.23
CA ILE A 829 -12.07 20.94 12.97
C ILE A 829 -13.01 20.32 14.05
N LEU A 830 -13.97 21.16 14.52
CA LEU A 830 -15.02 20.82 15.48
C LEU A 830 -16.34 21.41 14.92
N THR A 831 -17.32 20.54 14.60
CA THR A 831 -18.59 20.95 14.02
C THR A 831 -19.70 20.90 15.08
N TYR A 832 -20.47 21.99 15.20
CA TYR A 832 -21.54 22.17 16.20
C TYR A 832 -22.65 21.12 16.15
N ASP A 833 -23.00 20.63 14.95
CA ASP A 833 -24.03 19.60 14.77
C ASP A 833 -23.54 18.26 15.40
N PHE A 834 -22.22 18.04 15.36
CA PHE A 834 -21.58 16.86 15.93
C PHE A 834 -21.42 17.07 17.45
N VAL A 835 -21.01 18.30 17.88
CA VAL A 835 -20.86 18.72 19.29
C VAL A 835 -22.23 18.62 19.98
N HIS A 836 -23.29 18.89 19.23
CA HIS A 836 -24.67 18.77 19.70
C HIS A 836 -25.07 17.30 19.99
N VAL A 837 -24.65 16.34 19.14
CA VAL A 837 -24.89 14.90 19.37
C VAL A 837 -24.11 14.37 20.62
N ILE A 838 -22.81 14.71 20.70
CA ILE A 838 -21.91 14.36 21.80
C ILE A 838 -22.54 14.75 23.16
N GLN A 839 -23.09 15.98 23.22
CA GLN A 839 -23.71 16.56 24.41
C GLN A 839 -25.14 16.04 24.70
N GLN A 840 -25.59 14.98 23.98
CA GLN A 840 -26.89 14.29 24.12
C GLN A 840 -28.09 15.22 23.92
N GLY A 841 -27.94 16.19 23.02
CA GLY A 841 -28.97 17.16 22.68
C GLY A 841 -29.01 18.39 23.57
N LYS A 842 -28.14 18.42 24.59
CA LYS A 842 -28.07 19.53 25.57
C LYS A 842 -27.10 20.63 25.11
N THR A 843 -27.39 21.88 25.52
CA THR A 843 -26.60 23.10 25.23
C THR A 843 -25.25 23.06 25.93
N ASN A 844 -25.28 22.72 27.23
CA ASN A 844 -24.11 22.61 28.07
C ASN A 844 -24.08 21.20 28.66
N ASN A 845 -22.97 20.50 28.43
CA ASN A 845 -22.71 19.13 28.87
C ASN A 845 -21.21 18.92 28.75
N SER A 846 -20.48 19.54 29.69
CA SER A 846 -19.03 19.47 29.73
C SER A 846 -18.55 18.10 30.15
N GLU A 847 -19.40 17.34 30.85
CA GLU A 847 -19.12 15.96 31.25
C GLU A 847 -18.92 15.12 30.01
N LYS A 848 -19.88 15.21 29.06
CA LYS A 848 -19.78 14.46 27.79
C LYS A 848 -18.77 15.09 26.85
N PHE A 849 -18.76 16.41 26.71
CA PHE A 849 -17.82 17.08 25.81
C PHE A 849 -16.36 16.84 26.20
N GLU A 850 -16.05 16.88 27.49
CA GLU A 850 -14.67 16.74 27.95
C GLU A 850 -14.19 15.29 27.88
N ARG A 851 -15.12 14.32 27.87
CA ARG A 851 -14.80 12.90 27.66
C ARG A 851 -14.36 12.77 26.20
N PHE A 852 -14.96 13.61 25.34
CA PHE A 852 -14.66 13.65 23.94
C PHE A 852 -13.27 14.21 23.71
N ARG A 853 -12.93 15.33 24.35
CA ARG A 853 -11.62 15.96 24.28
C ARG A 853 -10.50 14.99 24.77
N GLY A 854 -10.85 14.12 25.74
CA GLY A 854 -9.97 13.11 26.30
C GLY A 854 -9.66 12.06 25.27
N TYR A 855 -10.71 11.60 24.55
CA TYR A 855 -10.57 10.61 23.48
C TYR A 855 -9.67 11.13 22.43
N CYS A 856 -9.81 12.41 22.10
CA CYS A 856 -8.98 13.14 21.13
C CYS A 856 -7.52 13.20 21.56
N GLU A 857 -7.25 13.65 22.80
CA GLU A 857 -5.89 13.77 23.32
C GLU A 857 -5.16 12.41 23.38
N ARG A 858 -5.87 11.39 23.86
CA ARG A 858 -5.31 10.05 23.96
C ARG A 858 -4.99 9.49 22.57
N ALA A 859 -5.92 9.65 21.57
CA ALA A 859 -5.70 9.19 20.20
C ALA A 859 -4.50 9.91 19.57
N TYR A 860 -4.40 11.22 19.79
CA TYR A 860 -3.30 12.03 19.24
C TYR A 860 -1.93 11.61 19.80
N THR A 861 -1.84 11.43 21.13
CA THR A 861 -0.59 11.09 21.81
C THR A 861 -0.10 9.69 21.46
N ILE A 862 -1.03 8.75 21.11
CA ILE A 862 -0.65 7.41 20.66
C ILE A 862 -0.03 7.51 19.24
N LEU A 863 -0.59 8.33 18.33
CA LEU A 863 -0.07 8.50 16.98
C LEU A 863 1.34 9.11 16.96
N ARG A 864 1.60 10.11 17.82
CA ARG A 864 2.91 10.77 17.97
C ARG A 864 4.00 9.77 18.35
N ARG A 865 3.67 8.80 19.24
CA ARG A 865 4.55 7.72 19.71
C ARG A 865 4.99 6.80 18.56
N HIS A 866 4.21 6.79 17.45
CA HIS A 866 4.45 6.00 16.24
C HIS A 866 4.66 6.93 15.07
N GLY A 867 5.04 8.16 15.34
CA GLY A 867 5.27 9.19 14.32
C GLY A 867 6.30 8.83 13.28
N LEU A 868 7.39 8.18 13.71
CA LEU A 868 8.42 7.74 12.78
C LEU A 868 7.90 6.70 11.80
N LEU A 869 7.00 5.79 12.26
CA LEU A 869 6.39 4.81 11.39
C LEU A 869 5.63 5.49 10.23
N PHE A 870 4.82 6.53 10.54
CA PHE A 870 4.08 7.29 9.52
C PHE A 870 4.98 8.01 8.55
N LEU A 871 6.05 8.62 9.06
CA LEU A 871 7.07 9.34 8.28
C LEU A 871 7.78 8.46 7.30
N HIS A 872 8.29 7.30 7.77
CA HIS A 872 8.97 6.28 6.96
C HIS A 872 8.05 5.74 5.88
N LEU A 873 6.78 5.47 6.21
CA LEU A 873 5.81 4.97 5.24
C LEU A 873 5.46 6.00 4.20
N PHE A 874 5.19 7.25 4.64
CA PHE A 874 4.91 8.33 3.68
C PHE A 874 6.12 8.65 2.79
N ALA A 875 7.35 8.48 3.32
CA ALA A 875 8.59 8.74 2.56
C ALA A 875 8.67 7.71 1.43
N LEU A 876 8.36 6.43 1.72
CA LEU A 876 8.32 5.34 0.75
C LEU A 876 7.31 5.60 -0.34
N MET A 877 6.14 6.20 0.01
CA MET A 877 5.03 6.51 -0.89
C MET A 877 5.32 7.63 -1.89
N ARG A 878 6.36 8.47 -1.65
CA ARG A 878 6.79 9.53 -2.58
C ARG A 878 7.03 8.92 -3.97
N ALA A 879 7.40 7.60 -4.01
CA ALA A 879 7.62 6.78 -5.21
C ALA A 879 6.36 6.57 -6.08
N ALA A 880 5.15 6.71 -5.47
CA ALA A 880 3.84 6.52 -6.12
C ALA A 880 3.49 7.55 -7.18
N GLY A 881 4.17 8.71 -7.15
CA GLY A 881 3.93 9.83 -8.04
C GLY A 881 2.56 10.48 -7.90
N LEU A 882 2.04 10.57 -6.64
CA LEU A 882 0.75 11.26 -6.36
C LEU A 882 1.07 12.76 -6.29
N PRO A 883 0.38 13.64 -7.08
CA PRO A 883 0.73 15.08 -7.07
C PRO A 883 0.77 15.76 -5.71
N GLU A 884 -0.02 15.27 -4.72
CA GLU A 884 -0.04 15.82 -3.37
C GLU A 884 1.03 15.18 -2.43
N LEU A 885 1.90 14.30 -2.99
CA LEU A 885 2.99 13.64 -2.28
C LEU A 885 4.20 13.42 -3.23
N SER A 886 4.80 14.54 -3.66
CA SER A 886 5.92 14.58 -4.61
C SER A 886 7.28 14.95 -4.01
N CYS A 887 7.29 15.78 -2.96
CA CYS A 887 8.52 16.28 -2.33
C CYS A 887 8.50 16.25 -0.80
N SER A 888 9.65 16.70 -0.23
CA SER A 888 9.98 16.81 1.19
C SER A 888 9.00 17.65 2.01
N LYS A 889 8.44 18.73 1.41
CA LYS A 889 7.48 19.61 2.08
C LYS A 889 6.18 18.92 2.44
N ASP A 890 5.79 17.87 1.68
CA ASP A 890 4.57 17.10 1.93
C ASP A 890 4.70 16.29 3.24
N ILE A 891 5.92 15.73 3.52
CA ILE A 891 6.23 14.98 4.74
C ILE A 891 6.38 15.96 5.93
N GLN A 892 6.74 17.23 5.65
CA GLN A 892 6.88 18.31 6.63
C GLN A 892 5.52 18.57 7.30
N TYR A 893 4.44 18.45 6.51
CA TYR A 893 3.09 18.61 7.02
C TYR A 893 2.82 17.64 8.18
N LEU A 894 3.20 16.36 8.02
CA LEU A 894 3.07 15.30 9.03
C LEU A 894 3.93 15.56 10.23
N LYS A 895 5.17 16.04 10.01
CA LYS A 895 6.12 16.35 11.09
C LYS A 895 5.51 17.41 11.98
N ASP A 896 4.78 18.38 11.38
CA ASP A 896 4.15 19.50 12.09
C ASP A 896 2.93 19.04 12.82
N SER A 897 1.98 18.35 12.13
CA SER A 897 0.75 17.89 12.75
C SER A 897 1.00 16.95 13.94
N LEU A 898 2.04 16.09 13.85
CA LEU A 898 2.42 15.22 14.96
C LEU A 898 3.42 15.91 15.93
N ALA A 899 3.81 17.20 15.71
CA ALA A 899 4.76 17.97 16.57
C ALA A 899 5.93 17.11 17.12
N LEU A 900 6.65 16.46 16.20
CA LEU A 900 7.70 15.49 16.52
C LEU A 900 9.03 16.05 17.06
N GLY A 901 9.27 17.34 16.85
CA GLY A 901 10.46 17.98 17.40
C GLY A 901 10.22 18.45 18.83
N LYS A 902 9.03 18.15 19.38
CA LYS A 902 8.62 18.56 20.73
C LYS A 902 8.53 17.40 21.69
N THR A 903 8.52 17.72 22.99
CA THR A 903 8.34 16.76 24.07
C THR A 903 6.85 16.36 24.05
N GLU A 904 6.44 15.35 24.86
CA GLU A 904 5.02 14.99 24.91
C GLU A 904 4.23 16.11 25.59
N GLU A 905 4.85 16.84 26.51
CA GLU A 905 4.22 17.96 27.17
C GLU A 905 3.96 19.13 26.23
N GLU A 906 5.00 19.58 25.48
CA GLU A 906 4.92 20.71 24.53
C GLU A 906 3.98 20.42 23.36
N ALA A 907 3.91 19.15 22.92
CA ALA A 907 3.05 18.73 21.81
C ALA A 907 1.58 18.72 22.20
N LEU A 908 1.28 18.25 23.42
CA LEU A 908 -0.07 18.18 23.99
C LEU A 908 -0.60 19.58 24.30
N LYS A 909 0.31 20.48 24.76
CA LYS A 909 0.04 21.90 25.02
C LYS A 909 -0.41 22.51 23.68
N HIS A 910 0.34 22.23 22.61
CA HIS A 910 0.10 22.68 21.24
C HIS A 910 -1.18 22.07 20.69
N PHE A 911 -1.42 20.77 20.95
CA PHE A 911 -2.65 20.13 20.50
C PHE A 911 -3.87 20.84 21.13
N ARG A 912 -3.79 21.12 22.45
CA ARG A 912 -4.80 21.82 23.25
C ARG A 912 -5.12 23.22 22.73
N VAL A 913 -4.08 23.99 22.32
CA VAL A 913 -4.22 25.33 21.73
C VAL A 913 -4.99 25.18 20.41
N LYS A 914 -4.66 24.15 19.62
CA LYS A 914 -5.32 23.86 18.34
C LYS A 914 -6.76 23.41 18.51
N PHE A 915 -7.03 22.54 19.52
CA PHE A 915 -8.37 22.03 19.80
C PHE A 915 -9.27 23.16 20.33
N ASN A 916 -8.73 24.05 21.19
CA ASN A 916 -9.43 25.20 21.77
C ASN A 916 -9.73 26.25 20.68
N GLU A 917 -8.81 26.38 19.69
CA GLU A 917 -8.94 27.27 18.52
C GLU A 917 -10.10 26.76 17.64
N ALA A 918 -10.24 25.45 17.51
CA ALA A 918 -11.28 24.77 16.75
C ALA A 918 -12.66 24.90 17.43
N LEU A 919 -12.67 25.09 18.77
CA LEU A 919 -13.87 25.22 19.60
C LEU A 919 -14.42 26.66 19.54
N ARG A 920 -13.51 27.67 19.45
CA ARG A 920 -13.84 29.10 19.31
C ARG A 920 -14.42 29.33 17.91
N GLU A 921 -13.98 28.52 16.93
CA GLU A 921 -14.42 28.51 15.54
C GLU A 921 -15.81 27.83 15.47
N SER A 922 -16.04 26.80 16.31
CA SER A 922 -17.30 26.06 16.43
C SER A 922 -18.39 26.95 17.08
N TRP A 923 -18.02 27.71 18.14
CA TRP A 923 -18.89 28.62 18.89
C TRP A 923 -19.44 29.77 18.03
N LYS A 924 -18.81 30.05 16.87
CA LYS A 924 -19.22 31.06 15.90
C LYS A 924 -20.53 30.63 15.20
N THR A 925 -20.84 29.32 15.27
CA THR A 925 -22.07 28.71 14.74
C THR A 925 -23.08 28.57 15.90
N LYS A 926 -22.57 28.32 17.13
CA LYS A 926 -23.38 28.18 18.36
C LYS A 926 -24.01 29.52 18.76
N VAL A 927 -23.38 30.67 18.36
CA VAL A 927 -23.85 32.04 18.61
C VAL A 927 -25.31 32.22 18.13
N ASN A 928 -25.62 31.66 16.92
CA ASN A 928 -26.94 31.70 16.30
C ASN A 928 -27.91 30.75 17.02
N1 HKK B . -15.91 7.05 -1.24
C4 HKK B . -16.67 6.27 -0.47
C5 HKK B . -16.49 7.62 -2.28
C6 HKK B . -18.82 5.15 0.20
C7 HKK B . -20.19 5.20 0.31
C8 HKK B . -20.90 4.31 1.27
C10 HKK B . -18.02 4.14 1.03
CL HKK B . -15.48 8.72 -3.17
C1 HKK B . -17.82 7.46 -2.65
N HKK B . -18.35 8.10 -3.80
S HKK B . -19.84 7.99 -4.45
O HKK B . -20.24 6.63 -4.41
O1 HKK B . -19.77 8.66 -5.71
C HKK B . -20.90 8.90 -3.39
C3 HKK B . -18.02 6.03 -0.70
C2 HKK B . -18.60 6.63 -1.82
C9 HKK B . -18.83 3.58 2.14
O2 HKK B . -20.13 3.19 1.65
#